data_9CGV
#
_entry.id   9CGV
#
_cell.length_a   1.00
_cell.length_b   1.00
_cell.length_c   1.00
_cell.angle_alpha   90.00
_cell.angle_beta   90.00
_cell.angle_gamma   90.00
#
_symmetry.space_group_name_H-M   'P 1'
#
loop_
_entity.id
_entity.type
_entity.pdbx_description
1 polymer 'RNA-directed RNA polymerase nsp12'
2 polymer 'Non-structural protein 8'
3 polymer 'Non-structural protein 7'
4 polymer 'RNA primer'
5 polymer 'RNA template'
6 non-polymer 'ZINC ION'
7 non-polymer 'methyl (8S)-7-hydroxy-5-methylpyrazolo[1,5-a]pyrimidine-3-carboxylate'
8 non-polymer 'MANGANESE (II) ION'
9 water water
#
loop_
_entity_poly.entity_id
_entity_poly.type
_entity_poly.pdbx_seq_one_letter_code
_entity_poly.pdbx_strand_id
1 'polypeptide(L)'
;MGSSHHHHHHENLYFQSADAQSFLNRVCGVSAARLTPCGTGTSTDVVYRAFDIYNDKVAGFAKFLKTNCCRFQEKDEDDN
LIDSYFVVKRHTFSNYQHEETIYNLLKDCPAVAKHDFFKFRIDGDMVPHISRQRLTKYTMADLVYALRHFDEGNCDTLKE
ILVTYNCCDDDYFNKKDWYDFVENPDILRVYANLGERVRQALLKTVQFCDAMRNAGIVGVLTLDNQDLNGNWYDFGDFIQ
TTPGSGVPVVDSYYSLLMPILTLTRALTAESHVDTDLTKPYIKWDLLKYDFTEERLKLFDRYFKYWDQTYHPNCVNCLDD
RCILHCANFNVLFSTVFPPTSFGPLVRKIFVDGVPFVVSTGYHFRELGVVHNQDVNLHSSRLSFKELLVYAADPAMHAAS
GNLLLDKRTTCFSVAALTNNVAFQTVKPGNFNKDFYDFAVSKGFFKEGSSVELKHFFFAQDGNAAISDYDYYRYNLPTMC
DIRQLLFVVEVVDKYFDCYDGGCINANQVIVNNLDKSAGFPFNKWGKARLYYDSMSYEDQDALFAYTKRNVIPTITQMNL
KYAISAKNRARTVAGVSICSTMTNRQFHQKLLKSIAATRGATVVIGTSKFYGGWHNMLKTVYSDVENPHLMGWDYPKCDR
AMPNMLRIMASLVLARKHTTCCSLSHRFYRLANECAQVLSEMVMCGGSLYVKPGGTSSGDATTAYANSVFNICQAVTANV
NALLSTDGNKIADKYVRNLQHRLYECLYRNRDVDTDFVNEFYAYLRKHFSMMILSDDAVVCFNSTYASQGLVASIKNFKS
VLYYQNNVFMSEAKCWTETDLTKGPHEFCSQHTMLVKQGDDYVYLPYPDPSRILGAGCFVDDIVKTDGTLMIERFVSLAI
DAYPLTKHPNQEYADVFHLYLQYIRKLHDELTGHMLDMYSVMLTNDNTSRYWEPEFYEAMYTPHTVLQ
;
A
2 'polypeptide(L)'
;AIASEFSSLPSYAAFATAQEAYEQAVANGDSEVVLKKLKKSLNVAKSEFDRDAAMQRKLEKMADQAMTQMYKQARSEDKR
AKVTSAMQTMLFTMLRKLDNDALNNIINNARDGCVPLNIIPLTTAAKLMVVIPDYNTYKNTCDGTTFTYASALWEIQQVV
DADSKIVQLSEISMDNSPNLAWPLIVTALRANSAVKLQ
;
B,D
3 'polypeptide(L)'
;SKMSDVKCTSVVLLSVLQQLRVESSSKLWAQCVQLHNDILLAKDTTEAFEKMVSLLSVLLSMQGAVDINKLCEEMLDNRA
TLQ
;
C
4 'polyribonucleotide' CGCGUAGCAUGCUACGUCAUUCUCCUAAGAAGCUG P
5 'polyribonucleotide' CUAUCCCCAUGUGAGCGGCUCAGCUUCUUAGGAGAAUGACGUAGCAUGCUACGCG T
#
# COMPACT_ATOMS: atom_id res chain seq x y z
N ASP A 19 -53.38 -18.97 26.15
CA ASP A 19 -52.14 -19.71 25.96
C ASP A 19 -50.93 -18.83 26.22
N ALA A 20 -51.10 -17.84 27.11
CA ALA A 20 -50.03 -16.90 27.43
C ALA A 20 -49.60 -17.00 28.89
N GLN A 21 -50.12 -17.95 29.65
CA GLN A 21 -49.72 -18.15 31.04
C GLN A 21 -49.16 -19.54 31.29
N SER A 22 -49.89 -20.59 30.89
CA SER A 22 -49.37 -21.94 31.04
C SER A 22 -48.19 -22.19 30.11
N PHE A 23 -48.26 -21.65 28.89
CA PHE A 23 -47.17 -21.82 27.94
C PHE A 23 -45.87 -21.24 28.48
N LEU A 24 -45.95 -20.02 29.05
CA LEU A 24 -44.77 -19.39 29.62
C LEU A 24 -44.19 -20.23 30.75
N ASN A 25 -45.05 -20.78 31.60
CA ASN A 25 -44.58 -21.63 32.69
C ASN A 25 -43.88 -22.87 32.15
N ARG A 26 -44.46 -23.50 31.13
CA ARG A 26 -43.85 -24.69 30.56
C ARG A 26 -42.50 -24.38 29.93
N VAL A 27 -42.35 -23.19 29.36
CA VAL A 27 -41.05 -22.79 28.81
C VAL A 27 -40.04 -22.58 29.94
N CYS A 28 -40.47 -21.93 31.03
CA CYS A 28 -39.60 -21.72 32.17
C CYS A 28 -39.11 -23.05 32.74
N ARG A 34 -38.05 -17.32 35.39
CA ARG A 34 -37.49 -15.98 35.38
C ARG A 34 -37.35 -15.46 33.96
N LEU A 35 -38.44 -15.51 33.20
CA LEU A 35 -38.47 -15.08 31.82
C LEU A 35 -39.49 -13.96 31.64
N THR A 36 -39.09 -12.91 30.92
CA THR A 36 -40.05 -11.90 30.54
C THR A 36 -40.94 -12.41 29.41
N PRO A 37 -42.24 -12.12 29.46
CA PRO A 37 -43.12 -12.59 28.38
C PRO A 37 -42.82 -11.89 27.06
N CYS A 38 -43.11 -12.59 25.97
CA CYS A 38 -42.98 -12.01 24.64
C CYS A 38 -43.82 -12.79 23.63
N VAL A 46 -41.07 -7.86 12.90
CA VAL A 46 -40.31 -7.90 11.66
C VAL A 46 -38.85 -7.58 11.92
N VAL A 47 -37.98 -8.56 11.67
CA VAL A 47 -36.54 -8.39 11.82
C VAL A 47 -35.85 -9.23 10.76
N TYR A 48 -34.72 -8.73 10.27
CA TYR A 48 -33.96 -9.36 9.21
C TYR A 48 -32.66 -9.90 9.77
N ARG A 49 -32.38 -11.18 9.53
CA ARG A 49 -31.19 -11.84 10.03
C ARG A 49 -30.44 -12.49 8.89
N ALA A 50 -29.12 -12.57 9.03
CA ALA A 50 -28.27 -13.12 7.98
C ALA A 50 -28.30 -14.64 8.01
N PHE A 51 -28.61 -15.24 6.88
CA PHE A 51 -28.65 -16.69 6.70
C PHE A 51 -27.72 -17.08 5.57
N ASP A 52 -27.24 -18.32 5.66
CA ASP A 52 -26.39 -18.94 4.65
C ASP A 52 -27.23 -20.08 4.05
N ILE A 53 -27.90 -19.78 2.94
CA ILE A 53 -28.90 -20.67 2.36
C ILE A 53 -28.30 -21.37 1.16
N TYR A 54 -28.66 -22.64 0.99
CA TYR A 54 -28.37 -23.34 -0.27
C TYR A 54 -29.34 -24.52 -0.37
N ASN A 55 -30.27 -24.44 -1.32
CA ASN A 55 -31.16 -25.54 -1.64
C ASN A 55 -31.44 -25.51 -3.14
N ASP A 56 -32.40 -26.30 -3.58
CA ASP A 56 -32.70 -26.40 -5.01
C ASP A 56 -33.37 -25.14 -5.56
N LYS A 57 -33.79 -24.21 -4.71
CA LYS A 57 -34.46 -22.99 -5.14
C LYS A 57 -33.59 -21.75 -5.01
N VAL A 58 -32.91 -21.58 -3.87
CA VAL A 58 -32.17 -20.36 -3.58
C VAL A 58 -30.80 -20.74 -3.03
N ALA A 59 -29.84 -19.82 -3.20
CA ALA A 59 -28.51 -19.98 -2.65
C ALA A 59 -27.92 -18.60 -2.42
N GLY A 60 -27.15 -18.47 -1.35
CA GLY A 60 -26.47 -17.22 -1.06
C GLY A 60 -26.21 -17.07 0.43
N PHE A 61 -25.71 -15.89 0.78
CA PHE A 61 -25.44 -15.48 2.16
C PHE A 61 -26.04 -14.09 2.32
N ALA A 62 -27.31 -14.04 2.72
CA ALA A 62 -28.07 -12.80 2.66
C ALA A 62 -29.01 -12.69 3.85
N LYS A 63 -29.59 -11.51 4.02
CA LYS A 63 -30.49 -11.26 5.13
C LYS A 63 -31.93 -11.56 4.73
N PHE A 64 -32.58 -12.40 5.52
CA PHE A 64 -33.95 -12.83 5.28
C PHE A 64 -34.81 -12.53 6.50
N LEU A 65 -36.12 -12.61 6.29
CA LEU A 65 -37.07 -12.41 7.38
C LEU A 65 -37.05 -13.60 8.33
N LYS A 66 -37.08 -13.32 9.62
CA LYS A 66 -37.07 -14.36 10.63
C LYS A 66 -38.46 -14.99 10.74
N THR A 67 -38.49 -16.32 10.80
CA THR A 67 -39.74 -17.03 10.98
C THR A 67 -40.39 -16.66 12.31
N ASN A 68 -41.67 -17.02 12.43
CA ASN A 68 -42.39 -16.77 13.67
C ASN A 68 -41.86 -17.67 14.78
N CYS A 69 -41.44 -17.05 15.88
CA CYS A 69 -41.00 -17.80 17.05
C CYS A 69 -41.28 -16.97 18.29
N CYS A 70 -41.34 -17.65 19.44
CA CYS A 70 -41.56 -17.00 20.72
C CYS A 70 -40.22 -16.93 21.44
N ARG A 71 -39.71 -15.71 21.64
CA ARG A 71 -38.40 -15.48 22.24
C ARG A 71 -38.61 -14.85 23.61
N PHE A 72 -38.35 -15.62 24.67
CA PHE A 72 -38.48 -15.15 26.04
C PHE A 72 -37.10 -14.83 26.57
N GLN A 73 -36.89 -13.58 26.97
CA GLN A 73 -35.58 -13.15 27.46
C GLN A 73 -35.45 -13.47 28.94
N GLU A 74 -34.37 -14.17 29.30
CA GLU A 74 -34.12 -14.55 30.68
C GLU A 74 -33.60 -13.34 31.46
N LYS A 75 -34.16 -13.12 32.64
CA LYS A 75 -33.75 -12.02 33.52
C LYS A 75 -32.96 -12.58 34.69
N ASP A 76 -31.90 -11.86 35.06
CA ASP A 76 -31.07 -12.27 36.19
C ASP A 76 -31.87 -12.16 37.49
N GLU A 77 -31.31 -12.72 38.56
CA GLU A 77 -31.98 -12.68 39.85
C GLU A 77 -32.24 -11.24 40.30
N ASP A 78 -31.37 -10.31 39.91
CA ASP A 78 -31.54 -8.90 40.24
C ASP A 78 -32.47 -8.18 39.28
N ASP A 79 -33.30 -8.91 38.55
CA ASP A 79 -34.21 -8.33 37.55
C ASP A 79 -33.43 -7.62 36.44
N ASN A 80 -32.23 -8.11 36.15
CA ASN A 80 -31.40 -7.58 35.08
C ASN A 80 -31.51 -8.49 33.87
N LEU A 81 -32.00 -7.94 32.76
CA LEU A 81 -32.07 -8.70 31.52
C LEU A 81 -30.66 -9.03 31.04
N ILE A 82 -30.45 -10.29 30.66
CA ILE A 82 -29.14 -10.74 30.19
C ILE A 82 -29.27 -11.27 28.77
N ASP A 83 -28.15 -11.68 28.18
CA ASP A 83 -28.13 -12.19 26.81
C ASP A 83 -28.45 -13.68 26.78
N SER A 84 -29.62 -14.02 27.30
CA SER A 84 -30.12 -15.39 27.31
C SER A 84 -31.57 -15.38 26.87
N TYR A 85 -31.89 -16.16 25.84
CA TYR A 85 -33.23 -16.24 25.29
C TYR A 85 -33.65 -17.69 25.14
N PHE A 86 -34.93 -17.93 25.37
CA PHE A 86 -35.57 -19.20 25.09
C PHE A 86 -36.40 -19.04 23.82
N VAL A 87 -36.08 -19.82 22.80
CA VAL A 87 -36.70 -19.70 21.49
C VAL A 87 -37.59 -20.92 21.29
N VAL A 88 -38.90 -20.72 21.34
CA VAL A 88 -39.88 -21.77 21.21
C VAL A 88 -40.57 -21.63 19.86
N LYS A 89 -40.58 -22.70 19.08
CA LYS A 89 -41.18 -22.69 17.75
C LYS A 89 -42.03 -23.94 17.55
N ARG A 90 -43.16 -23.76 16.88
CA ARG A 90 -44.02 -24.88 16.54
C ARG A 90 -43.45 -25.66 15.37
N HIS A 91 -43.49 -26.99 15.48
CA HIS A 91 -42.95 -27.88 14.46
C HIS A 91 -43.96 -28.97 14.14
N THR A 92 -43.88 -29.49 12.92
CA THR A 92 -44.68 -30.63 12.53
C THR A 92 -44.18 -31.89 13.24
N PHE A 93 -45.04 -32.92 13.25
CA PHE A 93 -44.66 -34.16 13.91
C PHE A 93 -43.43 -34.79 13.27
N SER A 94 -43.34 -34.78 11.94
CA SER A 94 -42.22 -35.43 11.27
C SER A 94 -40.90 -34.78 11.67
N ASN A 95 -40.80 -33.46 11.51
CA ASN A 95 -39.56 -32.78 11.86
C ASN A 95 -39.32 -32.77 13.36
N TYR A 96 -40.39 -32.72 14.15
CA TYR A 96 -40.26 -32.81 15.59
C TYR A 96 -39.57 -34.11 15.99
N GLN A 97 -40.06 -35.24 15.48
CA GLN A 97 -39.45 -36.53 15.80
C GLN A 97 -38.04 -36.64 15.25
N HIS A 98 -37.81 -36.15 14.03
CA HIS A 98 -36.48 -36.21 13.44
C HIS A 98 -35.47 -35.46 14.30
N GLU A 99 -35.79 -34.21 14.65
CA GLU A 99 -34.87 -33.40 15.45
C GLU A 99 -34.71 -34.00 16.84
N GLU A 100 -35.76 -34.57 17.42
CA GLU A 100 -35.62 -35.19 18.72
C GLU A 100 -34.64 -36.36 18.67
N THR A 101 -34.74 -37.19 17.63
CA THR A 101 -33.81 -38.29 17.47
C THR A 101 -32.37 -37.80 17.35
N ILE A 102 -32.16 -36.82 16.46
CA ILE A 102 -30.79 -36.34 16.23
C ILE A 102 -30.23 -35.71 17.51
N TYR A 103 -31.07 -34.96 18.23
CA TYR A 103 -30.60 -34.35 19.47
C TYR A 103 -30.26 -35.40 20.52
N ASN A 104 -31.10 -36.44 20.64
CA ASN A 104 -30.76 -37.52 21.57
C ASN A 104 -29.44 -38.17 21.20
N LEU A 105 -29.10 -38.20 19.91
CA LEU A 105 -27.79 -38.71 19.53
C LEU A 105 -26.68 -37.74 19.93
N LEU A 106 -26.91 -36.44 19.77
CA LEU A 106 -25.92 -35.41 20.02
C LEU A 106 -26.08 -34.74 21.38
N LYS A 107 -26.92 -35.29 22.25
CA LYS A 107 -27.33 -34.56 23.45
C LYS A 107 -26.16 -34.27 24.38
N ASP A 108 -25.25 -35.23 24.54
CA ASP A 108 -24.25 -35.15 25.60
C ASP A 108 -23.03 -34.31 25.23
N CYS A 109 -22.97 -33.76 24.02
CA CYS A 109 -21.86 -32.89 23.67
C CYS A 109 -22.03 -31.54 24.37
N PRO A 110 -20.96 -30.96 24.92
CA PRO A 110 -21.08 -29.66 25.58
C PRO A 110 -21.15 -28.48 24.62
N ALA A 111 -20.86 -28.67 23.34
CA ALA A 111 -20.97 -27.63 22.34
C ALA A 111 -22.38 -27.52 21.76
N VAL A 112 -23.33 -28.30 22.25
CA VAL A 112 -24.69 -28.33 21.74
C VAL A 112 -25.59 -27.62 22.75
N ALA A 113 -26.39 -26.68 22.25
CA ALA A 113 -27.35 -25.99 23.10
C ALA A 113 -28.42 -26.95 23.59
N LYS A 114 -28.93 -26.70 24.79
CA LYS A 114 -29.95 -27.55 25.36
C LYS A 114 -31.28 -27.33 24.66
N HIS A 115 -31.94 -28.42 24.30
CA HIS A 115 -33.26 -28.39 23.67
C HIS A 115 -34.29 -28.96 24.61
N ASP A 116 -35.54 -28.52 24.45
CA ASP A 116 -36.67 -29.06 25.19
C ASP A 116 -37.80 -29.34 24.22
N PHE A 117 -38.22 -30.60 24.14
CA PHE A 117 -39.27 -31.03 23.22
C PHE A 117 -40.53 -31.29 24.02
N PHE A 118 -41.62 -30.62 23.67
CA PHE A 118 -42.87 -30.82 24.39
C PHE A 118 -44.05 -30.65 23.43
N LYS A 119 -45.23 -31.02 23.89
CA LYS A 119 -46.46 -30.85 23.14
C LYS A 119 -47.44 -30.03 23.96
N PHE A 120 -48.16 -29.14 23.29
CA PHE A 120 -49.01 -28.16 23.94
C PHE A 120 -50.41 -28.20 23.32
N ARG A 121 -51.43 -28.08 24.16
CA ARG A 121 -52.80 -28.22 23.70
C ARG A 121 -53.28 -26.91 23.07
N ILE A 122 -53.63 -26.97 21.79
CA ILE A 122 -54.24 -25.86 21.07
C ILE A 122 -55.43 -26.42 20.29
N ASP A 123 -56.56 -25.72 20.34
CA ASP A 123 -57.78 -26.14 19.66
C ASP A 123 -58.12 -27.58 20.00
N GLY A 124 -57.83 -27.99 21.24
CA GLY A 124 -58.19 -29.31 21.71
C GLY A 124 -57.25 -30.43 21.31
N ASP A 125 -56.17 -30.14 20.60
CA ASP A 125 -55.24 -31.16 20.14
C ASP A 125 -53.82 -30.73 20.45
N MET A 126 -52.93 -31.71 20.61
CA MET A 126 -51.56 -31.44 20.99
C MET A 126 -50.72 -31.11 19.76
N VAL A 127 -49.98 -30.01 19.82
CA VAL A 127 -49.09 -29.60 18.75
C VAL A 127 -47.67 -29.59 19.30
N PRO A 128 -46.67 -30.04 18.53
CA PRO A 128 -45.30 -30.10 19.07
C PRO A 128 -44.58 -28.76 19.01
N HIS A 129 -43.85 -28.47 20.08
CA HIS A 129 -42.98 -27.31 20.17
C HIS A 129 -41.58 -27.73 20.58
N ILE A 130 -40.58 -27.04 20.03
CA ILE A 130 -39.18 -27.22 20.35
C ILE A 130 -38.66 -25.91 20.93
N SER A 131 -38.05 -25.97 22.10
CA SER A 131 -37.52 -24.81 22.80
C SER A 131 -36.00 -24.92 22.84
N ARG A 132 -35.32 -24.14 22.00
CA ARG A 132 -33.88 -23.97 22.07
C ARG A 132 -33.56 -22.99 23.19
N GLN A 133 -32.87 -23.47 24.22
CA GLN A 133 -32.78 -22.76 25.50
C GLN A 133 -31.46 -22.01 25.62
N ARG A 134 -31.56 -20.76 26.09
CA ARG A 134 -30.40 -19.94 26.47
C ARG A 134 -29.50 -19.60 25.28
N LEU A 135 -30.11 -19.33 24.14
CA LEU A 135 -29.37 -18.81 23.00
C LEU A 135 -29.07 -17.33 23.19
N THR A 136 -28.02 -16.85 22.53
CA THR A 136 -27.77 -15.43 22.48
C THR A 136 -28.71 -14.76 21.48
N LYS A 137 -28.69 -13.43 21.46
CA LYS A 137 -29.57 -12.70 20.55
C LYS A 137 -29.11 -12.86 19.11
N TYR A 138 -27.80 -12.83 18.87
CA TYR A 138 -27.24 -12.91 17.53
C TYR A 138 -26.46 -14.19 17.35
N THR A 139 -26.27 -14.56 16.09
CA THR A 139 -25.52 -15.75 15.70
C THR A 139 -24.18 -15.34 15.10
N MET A 140 -23.34 -16.34 14.80
CA MET A 140 -22.09 -16.06 14.12
C MET A 140 -22.32 -15.48 12.74
N ALA A 141 -23.39 -15.90 12.06
CA ALA A 141 -23.70 -15.36 10.74
C ALA A 141 -23.97 -13.87 10.82
N ASP A 142 -24.64 -13.42 11.87
CA ASP A 142 -24.90 -11.99 12.04
C ASP A 142 -23.60 -11.20 12.14
N LEU A 143 -22.65 -11.70 12.94
CA LEU A 143 -21.36 -11.01 13.08
C LEU A 143 -20.60 -11.00 11.76
N VAL A 144 -20.55 -12.14 11.08
CA VAL A 144 -19.79 -12.22 9.82
C VAL A 144 -20.41 -11.28 8.79
N TYR A 145 -21.74 -11.28 8.67
CA TYR A 145 -22.40 -10.40 7.72
C TYR A 145 -22.18 -8.94 8.08
N ALA A 146 -22.26 -8.60 9.37
CA ALA A 146 -22.08 -7.22 9.78
C ALA A 146 -20.68 -6.72 9.45
N LEU A 147 -19.67 -7.57 9.65
CA LEU A 147 -18.31 -7.15 9.40
C LEU A 147 -17.92 -7.23 7.94
N ARG A 148 -18.61 -8.03 7.12
CA ARG A 148 -18.28 -8.15 5.71
C ARG A 148 -19.11 -7.23 4.82
N HIS A 149 -20.39 -7.07 5.09
CA HIS A 149 -21.23 -6.12 4.35
C HIS A 149 -21.41 -4.85 5.19
N PHE A 150 -20.29 -4.16 5.39
CA PHE A 150 -20.28 -3.00 6.27
C PHE A 150 -20.78 -1.75 5.57
N ASP A 151 -21.74 -1.07 6.19
CA ASP A 151 -22.20 0.25 5.77
C ASP A 151 -22.18 1.16 6.97
N GLU A 152 -21.59 2.35 6.82
CA GLU A 152 -21.44 3.25 7.96
C GLU A 152 -22.77 3.81 8.45
N GLY A 153 -23.81 3.78 7.61
CA GLY A 153 -25.10 4.31 8.00
C GLY A 153 -26.06 3.28 8.55
N ASN A 154 -25.78 2.00 8.34
CA ASN A 154 -26.68 0.91 8.71
C ASN A 154 -25.93 -0.16 9.52
N CYS A 155 -25.16 0.28 10.51
CA CYS A 155 -24.36 -0.63 11.33
C CYS A 155 -24.95 -0.81 12.72
N ASP A 156 -26.28 -0.85 12.81
CA ASP A 156 -26.92 -1.00 14.12
C ASP A 156 -26.62 -2.36 14.74
N THR A 157 -26.66 -3.43 13.93
CA THR A 157 -26.36 -4.76 14.46
C THR A 157 -24.93 -4.84 14.98
N LEU A 158 -23.99 -4.26 14.24
CA LEU A 158 -22.60 -4.28 14.68
C LEU A 158 -22.42 -3.52 15.99
N LYS A 159 -23.06 -2.36 16.11
CA LYS A 159 -23.00 -1.61 17.36
C LYS A 159 -23.60 -2.41 18.51
N GLU A 160 -24.73 -3.07 18.26
CA GLU A 160 -25.36 -3.88 19.30
C GLU A 160 -24.43 -5.00 19.75
N ILE A 161 -23.80 -5.69 18.80
CA ILE A 161 -22.88 -6.77 19.14
C ILE A 161 -21.71 -6.22 19.94
N LEU A 162 -21.13 -5.11 19.49
CA LEU A 162 -19.96 -4.56 20.17
C LEU A 162 -20.29 -4.14 21.59
N VAL A 163 -21.44 -3.50 21.79
CA VAL A 163 -21.80 -3.03 23.13
C VAL A 163 -22.15 -4.20 24.04
N THR A 164 -22.90 -5.18 23.53
CA THR A 164 -23.39 -6.25 24.39
C THR A 164 -22.25 -7.04 25.01
N TYR A 165 -21.18 -7.27 24.26
CA TYR A 165 -20.06 -8.08 24.72
C TYR A 165 -18.90 -7.25 25.23
N ASN A 166 -19.16 -6.00 25.64
CA ASN A 166 -18.23 -5.19 26.40
C ASN A 166 -16.98 -4.83 25.59
N CYS A 167 -17.08 -4.81 24.26
CA CYS A 167 -15.99 -4.32 23.44
C CYS A 167 -15.88 -2.80 23.49
N CYS A 168 -16.99 -2.12 23.75
CA CYS A 168 -17.03 -0.67 23.88
C CYS A 168 -18.41 -0.28 24.39
N ASP A 169 -18.62 1.02 24.58
CA ASP A 169 -19.89 1.55 25.08
C ASP A 169 -20.53 2.42 24.00
N ASP A 170 -21.83 2.70 24.19
CA ASP A 170 -22.57 3.51 23.22
C ASP A 170 -21.87 4.83 22.95
N ASP A 171 -21.27 5.42 23.98
CA ASP A 171 -20.63 6.72 23.82
C ASP A 171 -19.35 6.64 23.00
N TYR A 172 -18.92 5.45 22.60
CA TYR A 172 -17.80 5.32 21.68
C TYR A 172 -18.18 5.68 20.25
N PHE A 173 -19.46 5.54 19.90
CA PHE A 173 -19.93 5.76 18.54
C PHE A 173 -20.30 7.21 18.28
N ASN A 174 -20.24 8.08 19.28
CA ASN A 174 -20.45 9.50 19.05
C ASN A 174 -19.24 10.16 18.40
N LYS A 175 -18.08 9.53 18.47
CA LYS A 175 -16.91 10.02 17.77
C LYS A 175 -17.08 9.85 16.27
N LYS A 176 -16.63 10.85 15.52
CA LYS A 176 -16.70 10.76 14.06
C LYS A 176 -15.64 9.79 13.55
N ASP A 177 -16.00 9.01 12.54
CA ASP A 177 -15.09 8.04 11.94
C ASP A 177 -14.58 7.06 12.98
N TRP A 178 -15.45 6.62 13.89
CA TRP A 178 -15.07 5.62 14.87
C TRP A 178 -14.71 4.29 14.21
N TYR A 179 -15.17 4.07 12.98
CA TYR A 179 -14.96 2.84 12.25
C TYR A 179 -13.75 2.89 11.32
N ASP A 180 -13.23 4.08 11.03
CA ASP A 180 -12.16 4.22 10.05
C ASP A 180 -10.85 3.67 10.61
N PHE A 181 -10.20 2.80 9.84
CA PHE A 181 -8.94 2.21 10.28
C PHE A 181 -7.79 3.20 10.25
N VAL A 182 -7.88 4.25 9.46
CA VAL A 182 -6.82 5.24 9.32
C VAL A 182 -7.05 6.43 10.24
N GLU A 183 -8.27 6.97 10.25
CA GLU A 183 -8.57 8.10 11.12
C GLU A 183 -8.74 7.66 12.58
N ASN A 184 -9.22 6.45 12.81
CA ASN A 184 -9.43 5.91 14.14
C ASN A 184 -8.80 4.53 14.23
N PRO A 185 -7.47 4.45 14.26
CA PRO A 185 -6.82 3.13 14.36
C PRO A 185 -7.06 2.42 15.67
N ASP A 186 -7.80 3.01 16.60
CA ASP A 186 -8.15 2.35 17.85
C ASP A 186 -9.29 1.35 17.68
N ILE A 187 -10.03 1.43 16.58
CA ILE A 187 -11.12 0.48 16.33
C ILE A 187 -10.58 -0.94 16.29
N LEU A 188 -9.32 -1.11 15.87
CA LEU A 188 -8.73 -2.44 15.85
C LEU A 188 -8.78 -3.10 17.22
N ARG A 189 -8.49 -2.34 18.28
CA ARG A 189 -8.59 -2.87 19.64
C ARG A 189 -10.02 -3.30 19.96
N VAL A 190 -11.00 -2.46 19.61
CA VAL A 190 -12.39 -2.79 19.86
C VAL A 190 -12.76 -4.10 19.18
N TYR A 191 -12.36 -4.25 17.91
CA TYR A 191 -12.64 -5.49 17.20
C TYR A 191 -11.89 -6.66 17.83
N ALA A 192 -10.65 -6.43 18.25
CA ALA A 192 -9.86 -7.50 18.86
C ALA A 192 -10.49 -8.00 20.14
N ASN A 193 -11.34 -7.19 20.79
CA ASN A 193 -12.03 -7.67 21.97
C ASN A 193 -13.01 -8.81 21.69
N LEU A 194 -13.36 -9.07 20.42
CA LEU A 194 -14.19 -10.21 20.03
C LEU A 194 -13.38 -11.48 19.76
N GLY A 195 -12.05 -11.37 19.71
CA GLY A 195 -11.23 -12.49 19.27
C GLY A 195 -11.42 -13.73 20.12
N GLU A 196 -11.45 -13.56 21.44
CA GLU A 196 -11.59 -14.72 22.32
C GLU A 196 -12.92 -15.42 22.10
N ARG A 197 -14.00 -14.66 21.96
CA ARG A 197 -15.29 -15.25 21.62
C ARG A 197 -15.19 -16.08 20.35
N VAL A 198 -14.58 -15.51 19.32
CA VAL A 198 -14.48 -16.24 18.05
C VAL A 198 -13.67 -17.52 18.22
N ARG A 199 -12.58 -17.45 18.98
CA ARG A 199 -11.75 -18.64 19.20
C ARG A 199 -12.53 -19.72 19.94
N GLN A 200 -13.30 -19.33 20.96
CA GLN A 200 -14.13 -20.30 21.67
C GLN A 200 -15.16 -20.91 20.72
N ALA A 201 -15.75 -20.10 19.83
CA ALA A 201 -16.68 -20.63 18.86
C ALA A 201 -16.01 -21.67 17.97
N LEU A 202 -14.76 -21.43 17.58
CA LEU A 202 -14.04 -22.40 16.76
C LEU A 202 -13.81 -23.71 17.52
N LEU A 203 -13.40 -23.61 18.79
CA LEU A 203 -13.18 -24.81 19.58
C LEU A 203 -14.47 -25.62 19.70
N LYS A 204 -15.58 -24.94 19.99
CA LYS A 204 -16.86 -25.64 20.09
C LYS A 204 -17.27 -26.26 18.76
N THR A 205 -16.98 -25.58 17.65
CA THR A 205 -17.24 -26.17 16.34
C THR A 205 -16.49 -27.49 16.19
N VAL A 206 -15.22 -27.52 16.57
CA VAL A 206 -14.44 -28.75 16.46
C VAL A 206 -15.08 -29.84 17.33
N GLN A 207 -15.46 -29.50 18.56
CA GLN A 207 -16.14 -30.48 19.41
C GLN A 207 -17.40 -31.02 18.74
N PHE A 208 -18.20 -30.13 18.16
CA PHE A 208 -19.44 -30.55 17.51
C PHE A 208 -19.17 -31.49 16.35
N CYS A 209 -18.14 -31.19 15.55
CA CYS A 209 -17.79 -32.08 14.44
C CYS A 209 -17.36 -33.45 14.98
N ASP A 210 -16.58 -33.47 16.06
CA ASP A 210 -16.22 -34.74 16.68
C ASP A 210 -17.46 -35.54 17.07
N ALA A 211 -18.42 -34.87 17.71
CA ALA A 211 -19.66 -35.55 18.11
C ALA A 211 -20.39 -36.09 16.90
N MET A 212 -20.48 -35.30 15.83
CA MET A 212 -21.16 -35.77 14.62
C MET A 212 -20.47 -37.00 14.04
N ARG A 213 -19.13 -37.01 14.02
CA ARG A 213 -18.43 -38.17 13.51
C ARG A 213 -18.65 -39.40 14.40
N ASN A 214 -18.69 -39.20 15.72
CA ASN A 214 -18.83 -40.33 16.62
C ASN A 214 -20.24 -40.91 16.58
N ALA A 215 -21.25 -40.06 16.41
CA ALA A 215 -22.63 -40.51 16.37
C ALA A 215 -23.07 -41.01 14.99
N GLY A 216 -22.29 -40.75 13.95
CA GLY A 216 -22.67 -41.19 12.62
C GLY A 216 -23.64 -40.28 11.91
N ILE A 217 -23.54 -38.96 12.14
CA ILE A 217 -24.47 -37.99 11.61
C ILE A 217 -23.81 -37.21 10.49
N VAL A 218 -24.54 -37.03 9.39
CA VAL A 218 -24.07 -36.30 8.22
C VAL A 218 -24.89 -35.03 8.09
N GLY A 219 -24.21 -33.90 7.92
CA GLY A 219 -24.90 -32.63 7.79
C GLY A 219 -23.93 -31.52 7.47
N VAL A 220 -24.49 -30.37 7.13
CA VAL A 220 -23.73 -29.18 6.75
C VAL A 220 -23.80 -28.18 7.89
N LEU A 221 -22.64 -27.70 8.32
CA LEU A 221 -22.56 -26.67 9.35
C LEU A 221 -22.63 -25.29 8.70
N THR A 222 -23.52 -24.45 9.22
CA THR A 222 -23.70 -23.09 8.73
C THR A 222 -23.65 -22.11 9.89
N LEU A 223 -23.13 -20.91 9.61
CA LEU A 223 -22.90 -19.94 10.67
C LEU A 223 -24.19 -19.54 11.38
N ASP A 224 -25.33 -19.57 10.69
CA ASP A 224 -26.58 -19.13 11.29
C ASP A 224 -27.14 -20.12 12.31
N ASN A 225 -26.57 -21.32 12.40
CA ASN A 225 -27.00 -22.31 13.38
C ASN A 225 -26.07 -22.37 14.59
N GLN A 226 -25.18 -21.39 14.74
CA GLN A 226 -24.32 -21.29 15.91
C GLN A 226 -24.49 -19.90 16.50
N ASP A 227 -24.74 -19.85 17.81
CA ASP A 227 -24.88 -18.56 18.47
C ASP A 227 -23.50 -18.03 18.86
N LEU A 228 -23.47 -16.82 19.44
CA LEU A 228 -22.21 -16.18 19.75
C LEU A 228 -21.56 -16.73 21.02
N ASN A 229 -22.20 -17.68 21.70
CA ASN A 229 -21.53 -18.49 22.71
C ASN A 229 -20.88 -19.74 22.13
N GLY A 230 -21.08 -20.01 20.84
CA GLY A 230 -20.50 -21.17 20.20
C GLY A 230 -21.34 -22.43 20.25
N ASN A 231 -22.59 -22.35 20.68
CA ASN A 231 -23.45 -23.51 20.79
C ASN A 231 -24.24 -23.73 19.50
N TRP A 232 -24.42 -24.99 19.13
CA TRP A 232 -25.12 -25.39 17.92
C TRP A 232 -26.53 -25.87 18.25
N TYR A 233 -27.52 -25.47 17.44
CA TYR A 233 -28.90 -25.67 17.85
C TYR A 233 -29.88 -26.04 16.73
N ASP A 234 -29.44 -26.47 15.56
CA ASP A 234 -30.37 -26.75 14.46
C ASP A 234 -29.96 -28.03 13.75
N PHE A 235 -30.74 -29.09 13.94
CA PHE A 235 -30.44 -30.42 13.43
C PHE A 235 -31.43 -30.89 12.38
N GLY A 236 -32.18 -29.97 11.76
CA GLY A 236 -33.25 -30.39 10.87
C GLY A 236 -32.75 -31.14 9.65
N ASP A 237 -31.66 -30.68 9.05
CA ASP A 237 -31.13 -31.26 7.82
C ASP A 237 -30.21 -32.45 8.06
N PHE A 238 -29.92 -32.80 9.30
CA PHE A 238 -29.00 -33.89 9.60
C PHE A 238 -29.68 -35.24 9.37
N ILE A 239 -28.87 -36.22 8.95
CA ILE A 239 -29.35 -37.58 8.72
C ILE A 239 -28.38 -38.55 9.39
N GLN A 240 -28.90 -39.71 9.78
CA GLN A 240 -28.12 -40.70 10.51
C GLN A 240 -27.34 -41.61 9.55
N THR A 241 -26.34 -42.26 10.11
CA THR A 241 -25.43 -43.15 9.38
C THR A 241 -24.68 -43.96 10.42
N THR A 242 -23.96 -44.99 9.95
CA THR A 242 -23.15 -45.83 10.83
C THR A 242 -22.44 -44.97 11.86
N PRO A 243 -22.41 -45.36 13.14
CA PRO A 243 -21.97 -44.43 14.18
C PRO A 243 -20.57 -43.85 13.95
N GLY A 244 -19.64 -44.65 13.47
CA GLY A 244 -18.27 -44.18 13.34
C GLY A 244 -17.94 -43.40 12.09
N SER A 245 -18.90 -43.22 11.17
CA SER A 245 -18.63 -42.65 9.86
C SER A 245 -19.49 -41.41 9.61
N GLY A 246 -19.59 -40.53 10.60
CA GLY A 246 -20.21 -39.25 10.37
C GLY A 246 -19.34 -38.35 9.51
N VAL A 247 -19.97 -37.38 8.86
CA VAL A 247 -19.28 -36.51 7.92
C VAL A 247 -19.84 -35.10 8.02
N PRO A 248 -19.22 -34.21 8.80
CA PRO A 248 -19.61 -32.80 8.76
C PRO A 248 -19.03 -32.10 7.53
N VAL A 249 -19.77 -31.09 7.06
CA VAL A 249 -19.35 -30.25 5.95
C VAL A 249 -19.15 -28.85 6.49
N VAL A 250 -17.95 -28.31 6.31
CA VAL A 250 -17.57 -27.05 6.97
C VAL A 250 -16.95 -26.07 5.98
N ASP A 251 -17.12 -26.32 4.68
CA ASP A 251 -16.50 -25.47 3.67
C ASP A 251 -16.98 -24.03 3.78
N SER A 252 -18.29 -23.82 3.60
CA SER A 252 -18.83 -22.47 3.64
C SER A 252 -18.64 -21.83 4.99
N TYR A 253 -18.84 -22.59 6.07
CA TYR A 253 -18.68 -22.06 7.42
C TYR A 253 -17.32 -21.43 7.61
N TYR A 254 -16.26 -22.24 7.48
CA TYR A 254 -14.91 -21.74 7.72
C TYR A 254 -14.53 -20.68 6.70
N SER A 255 -14.85 -20.90 5.43
CA SER A 255 -14.43 -19.95 4.39
C SER A 255 -15.05 -18.58 4.62
N LEU A 256 -16.35 -18.53 4.94
CA LEU A 256 -16.99 -17.25 5.24
C LEU A 256 -16.44 -16.64 6.53
N LEU A 257 -16.09 -17.47 7.50
CA LEU A 257 -15.59 -16.95 8.77
C LEU A 257 -14.16 -16.43 8.70
N MET A 258 -13.37 -16.85 7.70
CA MET A 258 -11.94 -16.60 7.70
C MET A 258 -11.55 -15.13 7.89
N PRO A 259 -12.11 -14.16 7.17
CA PRO A 259 -11.66 -12.77 7.36
C PRO A 259 -11.80 -12.27 8.80
N ILE A 260 -12.86 -12.70 9.48
CA ILE A 260 -13.11 -12.26 10.85
C ILE A 260 -12.01 -12.75 11.78
N LEU A 261 -11.38 -13.89 11.45
CA LEU A 261 -10.36 -14.44 12.33
C LEU A 261 -9.19 -13.49 12.48
N THR A 262 -8.71 -12.93 11.37
CA THR A 262 -7.64 -11.94 11.45
C THR A 262 -8.15 -10.58 11.87
N LEU A 263 -9.38 -10.21 11.46
CA LEU A 263 -9.88 -8.89 11.81
C LEU A 263 -10.02 -8.73 13.32
N THR A 264 -10.49 -9.77 14.02
CA THR A 264 -10.67 -9.74 15.45
C THR A 264 -9.48 -10.31 16.22
N ARG A 265 -8.42 -10.74 15.53
CA ARG A 265 -7.24 -11.29 16.18
C ARG A 265 -7.64 -12.42 17.14
N ALA A 266 -8.31 -13.42 16.59
CA ALA A 266 -8.87 -14.48 17.41
C ALA A 266 -7.79 -15.31 18.09
N LEU A 267 -6.68 -15.56 17.39
CA LEU A 267 -5.66 -16.49 17.85
C LEU A 267 -4.64 -15.85 18.79
N THR A 268 -4.92 -14.65 19.31
CA THR A 268 -3.95 -13.99 20.18
C THR A 268 -3.63 -14.85 21.39
N ALA A 269 -4.62 -15.56 21.93
CA ALA A 269 -4.39 -16.38 23.11
C ALA A 269 -3.33 -17.44 22.87
N GLU A 270 -3.05 -17.80 21.62
CA GLU A 270 -2.03 -18.80 21.33
C GLU A 270 -0.62 -18.30 21.62
N SER A 271 -0.44 -16.99 21.82
CA SER A 271 0.87 -16.45 22.16
C SER A 271 1.21 -16.60 23.65
N HIS A 272 0.26 -17.02 24.47
CA HIS A 272 0.44 -17.10 25.91
C HIS A 272 0.66 -18.54 26.36
N VAL A 273 1.21 -18.69 27.56
CA VAL A 273 1.48 -20.01 28.11
C VAL A 273 0.17 -20.71 28.42
N ASP A 274 0.05 -21.96 28.01
CA ASP A 274 -1.16 -22.76 28.20
C ASP A 274 -2.38 -22.14 27.53
N THR A 275 -2.16 -21.25 26.57
CA THR A 275 -3.24 -20.60 25.84
C THR A 275 -4.18 -19.85 26.78
N ASP A 276 -3.64 -19.33 27.88
CA ASP A 276 -4.39 -18.53 28.84
C ASP A 276 -4.03 -17.06 28.66
N LEU A 277 -5.03 -16.22 28.48
CA LEU A 277 -4.77 -14.79 28.29
C LEU A 277 -4.28 -14.10 29.55
N THR A 278 -4.41 -14.73 30.71
CA THR A 278 -3.96 -14.16 31.97
C THR A 278 -2.56 -14.64 32.36
N LYS A 279 -1.90 -15.40 31.50
CA LYS A 279 -0.56 -15.91 31.74
C LYS A 279 0.45 -15.20 30.85
N PRO A 280 1.74 -15.27 31.19
CA PRO A 280 2.74 -14.53 30.40
C PRO A 280 2.91 -15.12 29.01
N TYR A 281 3.48 -14.30 28.13
CA TYR A 281 3.75 -14.75 26.77
C TYR A 281 4.76 -15.90 26.76
N ILE A 282 4.60 -16.79 25.79
CA ILE A 282 5.58 -17.86 25.59
C ILE A 282 6.91 -17.24 25.17
N LYS A 283 7.99 -17.72 25.77
CA LYS A 283 9.33 -17.24 25.45
C LYS A 283 9.98 -18.27 24.52
N TRP A 284 9.85 -18.05 23.22
CA TRP A 284 10.45 -18.95 22.25
C TRP A 284 11.96 -18.75 22.21
N ASP A 285 12.65 -19.80 21.78
CA ASP A 285 14.09 -19.71 21.54
C ASP A 285 14.35 -18.76 20.37
N LEU A 286 15.32 -17.87 20.54
CA LEU A 286 15.60 -16.89 19.48
C LEU A 286 16.16 -17.56 18.24
N LEU A 287 16.92 -18.64 18.40
CA LEU A 287 17.50 -19.34 17.27
C LEU A 287 16.48 -20.17 16.50
N LYS A 288 15.27 -20.33 17.03
CA LYS A 288 14.26 -21.14 16.37
C LYS A 288 13.66 -20.37 15.20
N TYR A 289 13.55 -21.04 14.06
CA TYR A 289 12.88 -20.47 12.89
C TYR A 289 11.92 -21.43 12.22
N ASP A 290 11.98 -22.72 12.53
CA ASP A 290 11.15 -23.74 11.89
C ASP A 290 9.98 -24.06 12.81
N PHE A 291 8.79 -23.57 12.47
CA PHE A 291 7.58 -23.76 13.27
C PHE A 291 6.58 -24.67 12.57
N THR A 292 7.07 -25.66 11.81
CA THR A 292 6.17 -26.52 11.05
C THR A 292 5.24 -27.31 11.97
N GLU A 293 5.78 -27.87 13.05
CA GLU A 293 4.95 -28.65 13.95
C GLU A 293 3.96 -27.77 14.70
N GLU A 294 4.36 -26.55 15.04
CA GLU A 294 3.42 -25.62 15.66
C GLU A 294 2.28 -25.28 14.70
N ARG A 295 2.59 -25.06 13.42
CA ARG A 295 1.55 -24.78 12.44
C ARG A 295 0.61 -25.97 12.28
N LEU A 296 1.16 -27.18 12.23
CA LEU A 296 0.31 -28.37 12.12
C LEU A 296 -0.58 -28.53 13.35
N LYS A 297 -0.04 -28.25 14.54
CA LYS A 297 -0.85 -28.30 15.75
C LYS A 297 -1.98 -27.29 15.71
N LEU A 298 -1.69 -26.06 15.27
CA LEU A 298 -2.73 -25.05 15.17
C LEU A 298 -3.82 -25.48 14.19
N PHE A 299 -3.41 -26.01 13.04
CA PHE A 299 -4.39 -26.45 12.05
C PHE A 299 -5.25 -27.58 12.59
N ASP A 300 -4.64 -28.56 13.25
CA ASP A 300 -5.41 -29.66 13.82
C ASP A 300 -6.27 -29.23 14.98
N ARG A 301 -5.94 -28.10 15.62
CA ARG A 301 -6.74 -27.65 16.75
C ARG A 301 -7.94 -26.82 16.31
N TYR A 302 -7.79 -26.01 15.25
CA TYR A 302 -8.85 -25.08 14.87
C TYR A 302 -9.54 -25.43 13.56
N PHE A 303 -8.91 -26.23 12.69
CA PHE A 303 -9.46 -26.58 11.39
C PHE A 303 -9.34 -28.08 11.16
N LYS A 304 -9.74 -28.87 12.15
CA LYS A 304 -9.51 -30.30 12.09
C LYS A 304 -10.24 -30.94 10.91
N TYR A 305 -11.47 -30.51 10.64
CA TYR A 305 -12.31 -31.15 9.62
C TYR A 305 -12.31 -30.39 8.29
N TRP A 306 -11.41 -29.43 8.13
CA TRP A 306 -11.11 -28.90 6.80
C TRP A 306 -10.38 -29.98 6.01
N ASP A 307 -11.01 -30.46 4.94
CA ASP A 307 -10.59 -31.71 4.32
C ASP A 307 -9.51 -31.56 3.25
N GLN A 308 -9.19 -30.34 2.85
CA GLN A 308 -8.12 -30.16 1.88
C GLN A 308 -6.76 -30.16 2.58
N THR A 309 -5.76 -30.68 1.88
CA THR A 309 -4.43 -30.85 2.47
C THR A 309 -3.75 -29.51 2.68
N TYR A 310 -3.08 -29.36 3.81
CA TYR A 310 -2.40 -28.14 4.19
C TYR A 310 -0.89 -28.39 4.24
N HIS A 311 -0.15 -27.57 3.49
CA HIS A 311 1.30 -27.63 3.48
C HIS A 311 1.85 -26.42 4.25
N PRO A 312 2.42 -26.60 5.45
CA PRO A 312 2.98 -25.43 6.14
C PRO A 312 4.04 -24.71 5.34
N ASN A 313 4.86 -25.45 4.60
CA ASN A 313 5.88 -24.89 3.73
C ASN A 313 5.39 -25.03 2.30
N CYS A 314 5.14 -23.89 1.64
CA CYS A 314 4.50 -23.88 0.33
C CYS A 314 5.42 -24.37 -0.77
N VAL A 315 6.68 -24.71 -0.47
CA VAL A 315 7.54 -25.35 -1.46
C VAL A 315 7.07 -26.74 -1.81
N ASN A 316 6.15 -27.31 -1.03
CA ASN A 316 5.59 -28.63 -1.28
C ASN A 316 4.21 -28.57 -1.94
N CYS A 317 3.76 -27.39 -2.35
CA CYS A 317 2.45 -27.25 -2.94
C CYS A 317 2.44 -27.76 -4.38
N LEU A 318 1.25 -28.15 -4.84
CA LEU A 318 1.10 -28.82 -6.13
C LEU A 318 0.93 -27.85 -7.29
N ASP A 319 0.30 -26.70 -7.05
CA ASP A 319 0.16 -25.67 -8.08
C ASP A 319 -0.07 -24.35 -7.37
N ASP A 320 -0.31 -23.29 -8.17
CA ASP A 320 -0.48 -21.96 -7.59
C ASP A 320 -1.77 -21.84 -6.80
N ARG A 321 -2.81 -22.59 -7.18
CA ARG A 321 -4.03 -22.62 -6.37
C ARG A 321 -3.75 -23.21 -4.99
N CYS A 322 -2.97 -24.28 -4.93
CA CYS A 322 -2.57 -24.84 -3.64
C CYS A 322 -1.70 -23.86 -2.87
N ILE A 323 -0.83 -23.12 -3.58
CA ILE A 323 0.01 -22.14 -2.92
C ILE A 323 -0.86 -21.09 -2.23
N LEU A 324 -1.86 -20.57 -2.93
CA LEU A 324 -2.76 -19.61 -2.32
C LEU A 324 -3.48 -20.23 -1.12
N HIS A 325 -4.01 -21.44 -1.30
CA HIS A 325 -4.75 -22.09 -0.23
C HIS A 325 -3.91 -22.19 1.03
N CYS A 326 -2.69 -22.71 0.92
CA CYS A 326 -1.87 -22.92 2.11
C CYS A 326 -1.25 -21.64 2.63
N ALA A 327 -0.99 -20.67 1.75
CA ALA A 327 -0.46 -19.39 2.20
C ALA A 327 -1.50 -18.63 3.03
N ASN A 328 -2.78 -18.85 2.77
CA ASN A 328 -3.81 -18.24 3.62
C ASN A 328 -3.67 -18.71 5.07
N PHE A 329 -3.56 -20.02 5.27
CA PHE A 329 -3.37 -20.55 6.61
C PHE A 329 -2.05 -20.10 7.21
N ASN A 330 -1.00 -20.01 6.38
CA ASN A 330 0.27 -19.51 6.89
C ASN A 330 0.14 -18.07 7.37
N VAL A 331 -0.59 -17.24 6.64
CA VAL A 331 -0.83 -15.87 7.07
C VAL A 331 -1.53 -15.86 8.43
N LEU A 332 -2.54 -16.71 8.59
CA LEU A 332 -3.25 -16.77 9.87
C LEU A 332 -2.30 -17.18 11.00
N PHE A 333 -1.49 -18.22 10.77
CA PHE A 333 -0.71 -18.82 11.84
C PHE A 333 0.57 -18.05 12.16
N SER A 334 1.09 -17.26 11.23
CA SER A 334 2.35 -16.57 11.48
C SER A 334 2.24 -15.47 12.52
N THR A 335 1.01 -15.04 12.84
CA THR A 335 0.83 -14.03 13.87
C THR A 335 1.15 -14.55 15.26
N VAL A 336 1.27 -15.87 15.43
CA VAL A 336 1.49 -16.47 16.74
C VAL A 336 2.96 -16.60 17.08
N PHE A 337 3.86 -16.39 16.12
CA PHE A 337 5.28 -16.67 16.28
C PHE A 337 6.08 -15.37 16.38
N PRO A 338 7.25 -15.40 17.01
CA PRO A 338 8.01 -14.17 17.23
C PRO A 338 8.41 -13.52 15.93
N PRO A 339 8.36 -12.18 15.84
CA PRO A 339 8.75 -11.52 14.59
C PRO A 339 10.21 -11.66 14.23
N THR A 340 11.08 -12.00 15.19
CA THR A 340 12.50 -12.13 14.89
C THR A 340 12.83 -13.40 14.13
N SER A 341 11.89 -14.34 14.01
CA SER A 341 12.15 -15.61 13.35
C SER A 341 11.90 -15.56 11.84
N PHE A 342 11.38 -14.46 11.32
CA PHE A 342 11.06 -14.33 9.91
C PHE A 342 12.12 -13.49 9.21
N GLY A 343 12.48 -13.89 8.00
CA GLY A 343 13.47 -13.20 7.23
C GLY A 343 14.56 -14.14 6.75
N PRO A 344 15.67 -13.57 6.26
CA PRO A 344 16.75 -14.43 5.74
C PRO A 344 17.31 -15.35 6.82
N LEU A 345 17.65 -16.57 6.42
CA LEU A 345 18.32 -17.52 7.28
C LEU A 345 19.78 -17.57 6.87
N VAL A 346 20.66 -17.09 7.74
CA VAL A 346 22.06 -16.91 7.38
C VAL A 346 22.88 -18.08 7.89
N ARG A 347 23.98 -18.34 7.20
CA ARG A 347 24.90 -19.41 7.51
C ARG A 347 26.31 -18.91 7.29
N LYS A 348 27.25 -19.47 8.04
CA LYS A 348 28.67 -19.15 7.87
C LYS A 348 29.29 -20.06 6.82
N ILE A 349 29.91 -19.45 5.82
CA ILE A 349 30.63 -20.18 4.79
C ILE A 349 32.06 -19.65 4.78
N PHE A 350 32.93 -20.33 4.03
CA PHE A 350 34.34 -19.96 3.94
C PHE A 350 34.71 -19.74 2.48
N VAL A 351 35.40 -18.63 2.22
CA VAL A 351 35.94 -18.35 0.90
C VAL A 351 37.39 -17.89 1.10
N ASP A 352 38.32 -18.53 0.39
CA ASP A 352 39.74 -18.30 0.58
C ASP A 352 40.16 -18.53 2.03
N GLY A 353 39.37 -19.28 2.79
CA GLY A 353 39.64 -19.51 4.20
C GLY A 353 39.16 -18.41 5.13
N VAL A 354 38.50 -17.38 4.62
CA VAL A 354 37.96 -16.31 5.46
C VAL A 354 36.46 -16.52 5.56
N PRO A 355 35.83 -16.29 6.71
CA PRO A 355 34.40 -16.57 6.85
C PRO A 355 33.49 -15.43 6.42
N PHE A 356 32.44 -15.81 5.69
CA PHE A 356 31.36 -14.93 5.30
C PHE A 356 30.07 -15.41 5.96
N VAL A 357 29.15 -14.47 6.20
CA VAL A 357 27.79 -14.77 6.64
C VAL A 357 26.88 -14.49 5.46
N VAL A 358 26.25 -15.52 4.92
CA VAL A 358 25.47 -15.41 3.70
C VAL A 358 24.10 -16.05 3.90
N SER A 359 23.10 -15.54 3.21
CA SER A 359 21.75 -16.05 3.32
C SER A 359 21.63 -17.35 2.54
N THR A 360 21.24 -18.42 3.23
CA THR A 360 21.06 -19.74 2.63
C THR A 360 19.61 -20.20 2.72
N GLY A 361 18.69 -19.28 2.95
CA GLY A 361 17.29 -19.65 3.06
C GLY A 361 16.45 -18.42 3.32
N TYR A 362 15.20 -18.67 3.69
CA TYR A 362 14.29 -17.57 4.00
C TYR A 362 13.05 -18.14 4.68
N HIS A 363 12.59 -17.46 5.72
CA HIS A 363 11.38 -17.82 6.45
C HIS A 363 10.31 -16.78 6.15
N PHE A 364 9.41 -17.11 5.23
CA PHE A 364 8.31 -16.24 4.85
C PHE A 364 7.12 -16.44 5.77
N ARG A 365 6.46 -15.34 6.13
CA ARG A 365 5.23 -15.44 6.90
C ARG A 365 4.15 -16.21 6.15
N GLU A 366 4.14 -16.11 4.83
CA GLU A 366 3.12 -16.77 4.01
C GLU A 366 3.62 -18.07 3.37
N LEU A 367 4.88 -18.14 2.98
CA LEU A 367 5.41 -19.29 2.26
C LEU A 367 6.17 -20.27 3.14
N GLY A 368 6.34 -19.97 4.43
CA GLY A 368 7.04 -20.90 5.30
C GLY A 368 8.54 -20.89 5.07
N VAL A 369 9.18 -22.01 5.32
CA VAL A 369 10.64 -22.11 5.27
C VAL A 369 11.06 -22.56 3.87
N VAL A 370 12.00 -21.84 3.27
CA VAL A 370 12.56 -22.17 1.97
C VAL A 370 14.07 -22.23 2.11
N HIS A 371 14.68 -23.26 1.54
CA HIS A 371 16.12 -23.46 1.60
C HIS A 371 16.71 -23.39 0.21
N ASN A 372 17.80 -22.65 0.06
CA ASN A 372 18.50 -22.55 -1.21
C ASN A 372 19.11 -23.90 -1.59
N GLN A 373 19.06 -24.21 -2.87
CA GLN A 373 19.52 -25.51 -3.37
C GLN A 373 20.99 -25.53 -3.74
N ASP A 374 21.61 -24.36 -3.96
CA ASP A 374 22.97 -24.26 -4.45
C ASP A 374 23.89 -23.59 -3.43
N VAL A 375 23.77 -23.99 -2.17
CA VAL A 375 24.65 -23.48 -1.12
C VAL A 375 25.99 -24.21 -1.23
N ASN A 376 27.07 -23.45 -1.42
CA ASN A 376 28.41 -24.01 -1.57
C ASN A 376 29.28 -23.51 -0.42
N LEU A 377 29.69 -24.43 0.44
CA LEU A 377 30.69 -24.12 1.46
C LEU A 377 32.09 -24.24 0.87
N HIS A 378 33.05 -23.60 1.55
CA HIS A 378 34.45 -23.65 1.15
C HIS A 378 34.61 -23.34 -0.34
N SER A 379 34.06 -22.20 -0.75
CA SER A 379 34.21 -21.76 -2.12
C SER A 379 35.67 -21.40 -2.41
N SER A 380 36.11 -21.70 -3.64
CA SER A 380 37.49 -21.40 -4.01
C SER A 380 37.71 -19.91 -4.20
N ARG A 381 36.88 -19.27 -5.03
CA ARG A 381 36.99 -17.84 -5.26
C ARG A 381 35.64 -17.34 -5.76
N LEU A 382 35.43 -16.04 -5.65
CA LEU A 382 34.18 -15.42 -6.04
C LEU A 382 34.30 -14.82 -7.44
N SER A 383 33.38 -15.19 -8.32
CA SER A 383 33.28 -14.56 -9.63
C SER A 383 32.46 -13.29 -9.51
N PHE A 384 32.23 -12.63 -10.65
CA PHE A 384 31.44 -11.39 -10.63
C PHE A 384 30.01 -11.67 -10.17
N LYS A 385 29.43 -12.77 -10.62
CA LYS A 385 28.06 -13.09 -10.25
C LYS A 385 27.94 -13.37 -8.75
N GLU A 386 28.82 -14.22 -8.22
CA GLU A 386 28.77 -14.52 -6.79
C GLU A 386 29.06 -13.28 -5.97
N LEU A 387 30.03 -12.47 -6.40
CA LEU A 387 30.37 -11.26 -5.69
C LEU A 387 29.19 -10.30 -5.65
N LEU A 388 28.49 -10.16 -6.78
CA LEU A 388 27.31 -9.32 -6.83
C LEU A 388 26.22 -9.85 -5.90
N VAL A 389 26.01 -11.16 -5.90
CA VAL A 389 24.98 -11.75 -5.03
C VAL A 389 25.31 -11.48 -3.57
N TYR A 390 26.56 -11.71 -3.18
CA TYR A 390 26.94 -11.51 -1.78
C TYR A 390 26.92 -10.04 -1.39
N ALA A 391 27.19 -9.14 -2.33
CA ALA A 391 27.08 -7.72 -2.03
C ALA A 391 25.63 -7.30 -1.87
N ALA A 392 24.72 -7.90 -2.62
CA ALA A 392 23.31 -7.54 -2.50
C ALA A 392 22.70 -8.08 -1.22
N ASP A 393 23.20 -9.19 -0.71
CA ASP A 393 22.63 -9.81 0.48
C ASP A 393 22.63 -8.83 1.64
N PRO A 394 21.53 -8.73 2.40
CA PRO A 394 21.54 -7.90 3.61
C PRO A 394 22.24 -8.56 4.80
N ALA A 395 22.72 -9.79 4.65
CA ALA A 395 23.27 -10.52 5.78
C ALA A 395 24.58 -9.88 6.27
N MET A 396 25.50 -9.59 5.36
CA MET A 396 26.77 -8.99 5.76
C MET A 396 26.56 -7.58 6.29
N HIS A 397 25.71 -6.79 5.63
CA HIS A 397 25.47 -5.43 6.08
C HIS A 397 24.84 -5.41 7.47
N ALA A 398 23.87 -6.29 7.71
CA ALA A 398 23.23 -6.34 9.02
C ALA A 398 24.18 -6.87 10.09
N ALA A 399 24.94 -7.92 9.77
CA ALA A 399 25.82 -8.51 10.76
C ALA A 399 26.96 -7.58 11.13
N SER A 400 27.42 -6.74 10.19
CA SER A 400 28.49 -5.80 10.50
C SER A 400 27.98 -4.52 11.15
N GLY A 401 26.69 -4.23 11.02
CA GLY A 401 26.13 -3.02 11.59
C GLY A 401 25.88 -3.12 13.08
N ASN A 402 25.50 -1.98 13.66
CA ASN A 402 25.17 -1.91 15.07
C ASN A 402 23.72 -2.35 15.30
N LEU A 403 23.38 -2.54 16.57
CA LEU A 403 21.99 -2.77 16.94
C LEU A 403 21.24 -1.45 16.97
N LEU A 404 20.01 -1.47 16.48
CA LEU A 404 19.20 -0.27 16.34
C LEU A 404 17.90 -0.42 17.11
N LEU A 405 17.53 0.64 17.83
CA LEU A 405 16.25 0.72 18.54
C LEU A 405 15.63 2.07 18.15
N ASP A 406 14.84 2.07 17.09
CA ASP A 406 14.22 3.29 16.56
C ASP A 406 12.83 3.42 17.18
N LYS A 407 12.65 4.40 18.04
CA LYS A 407 11.38 4.64 18.71
C LYS A 407 10.48 5.60 17.95
N ARG A 408 10.94 6.14 16.83
CA ARG A 408 10.10 7.02 16.02
C ARG A 408 9.03 6.23 15.27
N THR A 409 9.30 4.97 14.97
CA THR A 409 8.40 4.14 14.18
C THR A 409 8.16 2.82 14.91
N THR A 410 7.04 2.19 14.59
CA THR A 410 6.68 0.89 15.15
C THR A 410 7.15 -0.26 14.27
N CYS A 411 7.80 0.01 13.15
CA CYS A 411 8.28 -1.04 12.26
C CYS A 411 9.53 -1.67 12.83
N PHE A 412 9.65 -2.98 12.65
CA PHE A 412 10.81 -3.72 13.15
C PHE A 412 12.08 -3.15 12.52
N SER A 413 13.02 -2.76 13.38
CA SER A 413 14.29 -2.19 12.95
C SER A 413 15.40 -3.21 13.17
N VAL A 414 16.24 -3.39 12.15
CA VAL A 414 17.24 -4.46 12.18
C VAL A 414 18.55 -3.94 12.73
N ALA A 415 19.17 -2.98 12.04
CA ALA A 415 20.51 -2.54 12.40
C ALA A 415 20.74 -1.14 11.89
N ALA A 416 21.77 -0.49 12.43
CA ALA A 416 22.24 0.81 11.96
C ALA A 416 23.58 0.59 11.28
N LEU A 417 23.65 0.92 9.99
CA LEU A 417 24.85 0.66 9.20
C LEU A 417 25.88 1.77 9.30
N THR A 418 25.57 2.87 10.01
CA THR A 418 26.50 3.97 10.18
C THR A 418 26.44 4.44 11.62
N ASN A 419 27.48 5.14 12.05
CA ASN A 419 27.53 5.68 13.41
C ASN A 419 26.56 6.83 13.63
N ASN A 420 25.96 7.37 12.56
CA ASN A 420 25.08 8.52 12.66
C ASN A 420 23.78 8.23 11.92
N VAL A 421 22.75 8.98 12.28
CA VAL A 421 21.45 8.94 11.61
C VAL A 421 21.39 10.08 10.60
N ALA A 422 20.80 9.81 9.44
CA ALA A 422 20.68 10.79 8.38
C ALA A 422 19.29 11.42 8.42
N PHE A 423 19.24 12.75 8.30
CA PHE A 423 18.01 13.52 8.32
C PHE A 423 17.90 14.27 7.01
N GLN A 424 17.31 13.64 6.00
CA GLN A 424 17.19 14.23 4.67
C GLN A 424 15.93 15.08 4.60
N THR A 425 16.10 16.32 4.14
CA THR A 425 15.01 17.28 4.05
C THR A 425 14.58 17.45 2.60
N VAL A 426 13.52 18.23 2.41
CA VAL A 426 13.01 18.58 1.09
C VAL A 426 13.04 20.08 0.96
N LYS A 427 13.61 20.57 -0.13
CA LYS A 427 13.74 22.01 -0.34
C LYS A 427 12.48 22.59 -0.95
N PRO A 428 12.26 23.89 -0.80
CA PRO A 428 11.15 24.54 -1.51
C PRO A 428 11.45 24.69 -2.98
N GLY A 429 10.41 24.99 -3.75
CA GLY A 429 10.57 25.18 -5.17
C GLY A 429 11.18 26.52 -5.51
N ASN A 430 11.53 26.69 -6.78
CA ASN A 430 12.09 27.92 -7.29
C ASN A 430 10.99 28.70 -8.00
N PHE A 431 10.97 30.02 -7.77
CA PHE A 431 9.88 30.86 -8.26
C PHE A 431 10.28 31.47 -9.60
N ASN A 432 9.48 31.20 -10.63
CA ASN A 432 9.67 31.81 -11.95
C ASN A 432 8.89 33.12 -11.94
N LYS A 433 9.56 34.18 -11.49
CA LYS A 433 8.89 35.46 -11.30
C LYS A 433 8.49 36.09 -12.63
N ASP A 434 9.26 35.85 -13.70
CA ASP A 434 8.93 36.44 -14.99
C ASP A 434 7.60 35.94 -15.51
N PHE A 435 7.39 34.62 -15.46
CA PHE A 435 6.11 34.07 -15.91
C PHE A 435 4.96 34.56 -15.04
N TYR A 436 5.19 34.65 -13.72
CA TYR A 436 4.13 35.13 -12.85
C TYR A 436 3.76 36.57 -13.16
N ASP A 437 4.76 37.43 -13.38
CA ASP A 437 4.48 38.81 -13.75
C ASP A 437 3.74 38.88 -15.08
N PHE A 438 4.18 38.09 -16.05
CA PHE A 438 3.51 38.07 -17.35
C PHE A 438 2.05 37.67 -17.21
N ALA A 439 1.79 36.61 -16.43
CA ALA A 439 0.41 36.16 -16.24
C ALA A 439 -0.43 37.21 -15.53
N VAL A 440 0.12 37.85 -14.50
CA VAL A 440 -0.64 38.84 -13.76
C VAL A 440 -0.95 40.04 -14.65
N SER A 441 0.00 40.44 -15.50
CA SER A 441 -0.25 41.53 -16.44
C SER A 441 -1.36 41.18 -17.43
N LYS A 442 -1.62 39.90 -17.65
CA LYS A 442 -2.67 39.46 -18.56
C LYS A 442 -4.00 39.24 -17.85
N GLY A 443 -4.11 39.58 -16.58
CA GLY A 443 -5.35 39.49 -15.86
C GLY A 443 -5.56 38.22 -15.06
N PHE A 444 -4.50 37.51 -14.70
CA PHE A 444 -4.63 36.28 -13.94
C PHE A 444 -4.49 36.54 -12.45
N PHE A 445 -4.97 35.60 -11.65
CA PHE A 445 -4.80 35.64 -10.20
C PHE A 445 -5.51 36.86 -9.60
N LYS A 446 -6.68 37.19 -10.15
CA LYS A 446 -7.48 38.27 -9.61
C LYS A 446 -8.32 37.74 -8.45
N GLU A 447 -9.12 38.63 -7.87
CA GLU A 447 -9.96 38.28 -6.72
C GLU A 447 -11.25 37.65 -7.21
N GLY A 448 -11.57 36.47 -6.66
CA GLY A 448 -12.79 35.77 -7.03
C GLY A 448 -12.69 34.91 -8.26
N SER A 449 -11.56 34.93 -8.96
CA SER A 449 -11.40 34.09 -10.15
C SER A 449 -11.42 32.61 -9.77
N SER A 450 -11.92 31.79 -10.69
CA SER A 450 -12.00 30.35 -10.46
C SER A 450 -10.66 29.65 -10.61
N VAL A 451 -9.65 30.32 -11.15
CA VAL A 451 -8.34 29.72 -11.37
C VAL A 451 -7.40 30.29 -10.31
N GLU A 452 -6.94 29.42 -9.41
CA GLU A 452 -6.07 29.81 -8.31
C GLU A 452 -4.90 28.84 -8.22
N LEU A 453 -3.79 29.31 -7.69
CA LEU A 453 -2.61 28.47 -7.50
C LEU A 453 -2.86 27.49 -6.36
N LYS A 454 -2.82 26.20 -6.67
CA LYS A 454 -3.05 25.16 -5.68
C LYS A 454 -1.94 24.12 -5.61
N HIS A 455 -1.04 24.09 -6.59
CA HIS A 455 0.04 23.11 -6.64
C HIS A 455 1.36 23.83 -6.38
N PHE A 456 2.11 23.35 -5.38
CA PHE A 456 3.36 23.97 -4.97
C PHE A 456 4.39 22.88 -4.71
N PHE A 457 5.61 23.31 -4.39
CA PHE A 457 6.65 22.42 -3.88
C PHE A 457 6.68 22.59 -2.37
N PHE A 458 6.11 21.62 -1.66
CA PHE A 458 6.07 21.66 -0.20
C PHE A 458 7.40 21.19 0.37
N ALA A 459 7.90 21.94 1.35
CA ALA A 459 9.15 21.59 2.02
C ALA A 459 8.88 20.64 3.18
N GLN A 460 9.89 19.84 3.51
CA GLN A 460 9.81 18.87 4.60
C GLN A 460 11.01 19.04 5.51
N ASP A 461 10.83 18.67 6.77
CA ASP A 461 11.88 18.79 7.77
C ASP A 461 12.68 17.49 7.82
N GLY A 462 13.61 17.39 8.78
CA GLY A 462 14.55 16.28 8.78
C GLY A 462 13.89 14.93 8.98
N ASN A 463 12.94 14.85 9.92
CA ASN A 463 12.28 13.58 10.24
C ASN A 463 11.00 13.43 9.41
N ALA A 464 11.19 13.43 8.10
CA ALA A 464 10.11 13.31 7.13
C ALA A 464 10.08 11.95 6.45
N ALA A 465 11.22 11.49 5.95
CA ALA A 465 11.27 10.20 5.26
C ALA A 465 10.82 9.07 6.18
N ILE A 466 11.33 9.06 7.41
CA ILE A 466 10.92 8.01 8.35
C ILE A 466 9.44 8.12 8.66
N SER A 467 8.92 9.34 8.74
CA SER A 467 7.49 9.52 8.94
C SER A 467 6.69 8.90 7.80
N ASP A 468 7.13 9.10 6.57
CA ASP A 468 6.46 8.48 5.43
C ASP A 468 6.56 6.96 5.51
N TYR A 469 7.73 6.43 5.89
CA TYR A 469 7.88 5.00 6.05
C TYR A 469 6.93 4.45 7.11
N ASP A 470 6.66 5.23 8.15
CA ASP A 470 5.79 4.77 9.22
C ASP A 470 4.37 4.47 8.73
N TYR A 471 3.97 5.00 7.57
CA TYR A 471 2.65 4.72 7.04
C TYR A 471 2.46 3.27 6.62
N TYR A 472 3.48 2.43 6.75
CA TYR A 472 3.32 1.00 6.57
C TYR A 472 2.63 0.34 7.75
N ARG A 473 2.34 1.09 8.81
CA ARG A 473 1.55 0.57 9.92
C ARG A 473 0.11 0.27 9.52
N TYR A 474 -0.32 0.72 8.34
CA TYR A 474 -1.64 0.42 7.83
C TYR A 474 -1.71 -0.95 7.16
N ASN A 475 -0.58 -1.65 7.03
CA ASN A 475 -0.56 -2.99 6.48
C ASN A 475 -0.74 -3.99 7.63
N LEU A 476 -1.85 -4.71 7.60
CA LEU A 476 -2.18 -5.65 8.66
C LEU A 476 -2.32 -7.06 8.09
N PRO A 477 -2.05 -8.10 8.89
CA PRO A 477 -2.30 -9.47 8.40
C PRO A 477 -3.77 -9.69 8.09
N THR A 478 -4.09 -9.92 6.82
CA THR A 478 -5.47 -10.08 6.37
C THR A 478 -5.63 -11.48 5.80
N MET A 479 -6.35 -12.33 6.50
CA MET A 479 -6.76 -13.62 5.97
C MET A 479 -7.91 -13.41 5.01
N CYS A 480 -7.94 -14.21 3.94
CA CYS A 480 -8.92 -14.07 2.89
C CYS A 480 -9.95 -15.20 2.94
N ASP A 481 -11.09 -14.94 2.33
CA ASP A 481 -12.08 -15.99 2.03
C ASP A 481 -11.50 -16.82 0.90
N ILE A 482 -10.96 -18.00 1.23
CA ILE A 482 -10.13 -18.72 0.28
C ILE A 482 -10.98 -19.30 -0.85
N ARG A 483 -12.17 -19.81 -0.55
CA ARG A 483 -13.00 -20.38 -1.60
C ARG A 483 -13.52 -19.29 -2.53
N GLN A 484 -13.70 -18.08 -2.03
CA GLN A 484 -14.06 -16.95 -2.89
C GLN A 484 -12.86 -16.48 -3.70
N LEU A 485 -11.68 -16.43 -3.09
CA LEU A 485 -10.49 -15.96 -3.77
C LEU A 485 -10.09 -16.91 -4.89
N LEU A 486 -10.27 -18.21 -4.70
CA LEU A 486 -9.87 -19.18 -5.71
C LEU A 486 -10.77 -19.14 -6.93
N PHE A 487 -11.98 -18.59 -6.83
CA PHE A 487 -12.83 -18.36 -7.98
C PHE A 487 -12.56 -17.00 -8.61
N VAL A 488 -12.34 -15.98 -7.77
CA VAL A 488 -12.02 -14.66 -8.28
C VAL A 488 -10.72 -14.70 -9.06
N VAL A 489 -9.77 -15.56 -8.67
CA VAL A 489 -8.50 -15.60 -9.36
C VAL A 489 -8.69 -16.15 -10.78
N GLU A 490 -9.57 -17.14 -10.94
CA GLU A 490 -9.85 -17.65 -12.28
C GLU A 490 -10.54 -16.60 -13.13
N VAL A 491 -11.51 -15.89 -12.55
CA VAL A 491 -12.20 -14.86 -13.33
C VAL A 491 -11.24 -13.72 -13.68
N VAL A 492 -10.29 -13.41 -12.80
CA VAL A 492 -9.31 -12.37 -13.09
C VAL A 492 -8.35 -12.83 -14.17
N ASP A 493 -7.95 -14.10 -14.13
CA ASP A 493 -7.07 -14.62 -15.17
C ASP A 493 -7.77 -14.63 -16.52
N LYS A 494 -9.09 -14.72 -16.54
CA LYS A 494 -9.82 -14.60 -17.80
C LYS A 494 -9.54 -13.25 -18.47
N TYR A 495 -9.24 -12.22 -17.70
CA TYR A 495 -8.97 -10.89 -18.25
C TYR A 495 -7.59 -10.76 -18.87
N PHE A 496 -6.72 -11.76 -18.73
CA PHE A 496 -5.34 -11.70 -19.21
C PHE A 496 -5.03 -12.84 -20.18
N ASP A 497 -6.03 -13.28 -20.95
CA ASP A 497 -5.87 -14.39 -21.86
C ASP A 497 -5.37 -14.00 -23.24
N CYS A 498 -5.43 -12.72 -23.60
CA CYS A 498 -5.03 -12.26 -24.92
C CYS A 498 -3.55 -11.93 -25.01
N TYR A 499 -2.82 -11.97 -23.91
CA TYR A 499 -1.41 -11.60 -23.87
C TYR A 499 -0.53 -12.84 -23.93
N ASP A 500 0.72 -12.63 -24.33
CA ASP A 500 1.72 -13.67 -24.35
C ASP A 500 2.88 -13.31 -23.43
N GLY A 501 3.49 -14.33 -22.84
CA GLY A 501 4.55 -14.12 -21.88
C GLY A 501 5.48 -15.30 -21.84
N GLY A 502 6.46 -15.23 -20.94
CA GLY A 502 7.48 -16.24 -20.84
C GLY A 502 8.85 -15.61 -20.69
N CYS A 503 9.85 -16.43 -20.41
CA CYS A 503 11.19 -15.93 -20.15
C CYS A 503 11.90 -15.59 -21.45
N ILE A 504 12.81 -14.63 -21.37
CA ILE A 504 13.61 -14.18 -22.51
C ILE A 504 15.07 -14.19 -22.11
N ASN A 505 15.94 -14.15 -23.10
CA ASN A 505 17.37 -14.12 -22.87
C ASN A 505 17.82 -12.70 -22.52
N ALA A 506 19.03 -12.60 -21.99
CA ALA A 506 19.55 -11.30 -21.56
C ALA A 506 19.74 -10.34 -22.73
N ASN A 507 19.89 -10.85 -23.95
CA ASN A 507 20.07 -9.99 -25.11
C ASN A 507 18.75 -9.46 -25.66
N GLN A 508 17.61 -10.00 -25.24
CA GLN A 508 16.31 -9.54 -25.69
C GLN A 508 15.68 -8.50 -24.76
N VAL A 509 16.36 -8.15 -23.68
CA VAL A 509 15.79 -7.25 -22.69
C VAL A 509 15.98 -5.81 -23.14
N ILE A 510 14.94 -5.00 -22.95
CA ILE A 510 14.96 -3.57 -23.28
C ILE A 510 15.02 -2.79 -21.99
N VAL A 511 16.08 -2.01 -21.81
CA VAL A 511 16.25 -1.13 -20.67
C VAL A 511 16.08 0.30 -21.16
N ASN A 512 15.10 1.00 -20.59
CA ASN A 512 14.74 2.33 -21.10
C ASN A 512 15.84 3.34 -20.81
N ASN A 513 16.15 3.55 -19.54
CA ASN A 513 17.21 4.47 -19.13
C ASN A 513 18.23 3.70 -18.30
N LEU A 514 19.48 3.74 -18.74
CA LEU A 514 20.58 3.08 -18.03
C LEU A 514 21.30 4.02 -17.08
N ASP A 515 20.85 5.27 -16.96
CA ASP A 515 21.43 6.23 -16.04
C ASP A 515 20.62 6.36 -14.75
N LYS A 516 19.98 5.28 -14.32
CA LYS A 516 19.22 5.25 -13.08
C LYS A 516 20.04 4.58 -11.99
N SER A 517 19.59 4.75 -10.75
CA SER A 517 20.28 4.18 -9.61
C SER A 517 20.26 2.66 -9.67
N ALA A 518 21.34 2.05 -9.19
CA ALA A 518 21.45 0.60 -9.11
C ALA A 518 21.04 0.05 -7.75
N GLY A 519 20.55 0.90 -6.85
CA GLY A 519 20.15 0.45 -5.53
C GLY A 519 21.29 0.48 -4.54
N PHE A 520 21.03 -0.11 -3.39
CA PHE A 520 22.04 -0.25 -2.34
C PHE A 520 22.56 -1.67 -2.28
N PRO A 521 23.88 -1.91 -2.14
CA PRO A 521 24.98 -0.94 -2.00
C PRO A 521 25.56 -0.52 -3.34
N PHE A 522 24.90 -0.87 -4.45
CA PHE A 522 25.50 -0.68 -5.76
C PHE A 522 25.52 0.79 -6.19
N ASN A 523 24.72 1.64 -5.56
CA ASN A 523 24.66 3.03 -5.96
C ASN A 523 25.93 3.82 -5.61
N LYS A 524 26.83 3.24 -4.83
CA LYS A 524 28.06 3.91 -4.45
C LYS A 524 29.22 3.61 -5.38
N TRP A 525 28.99 2.83 -6.44
CA TRP A 525 30.02 2.54 -7.43
C TRP A 525 29.63 2.88 -8.86
N GLY A 526 28.36 3.17 -9.12
CA GLY A 526 27.95 3.52 -10.46
C GLY A 526 26.44 3.42 -10.61
N LYS A 527 25.99 3.72 -11.83
CA LYS A 527 24.58 3.62 -12.19
C LYS A 527 24.30 2.23 -12.76
N ALA A 528 23.06 2.01 -13.19
CA ALA A 528 22.71 0.72 -13.78
C ALA A 528 23.53 0.41 -15.02
N ARG A 529 24.04 1.44 -15.70
CA ARG A 529 24.85 1.21 -16.89
C ARG A 529 26.11 0.42 -16.56
N LEU A 530 26.75 0.74 -15.44
CA LEU A 530 27.98 0.05 -15.05
C LEU A 530 27.74 -1.45 -14.95
N TYR A 531 26.65 -1.85 -14.31
CA TYR A 531 26.39 -3.26 -14.08
C TYR A 531 25.83 -3.97 -15.30
N TYR A 532 25.07 -3.25 -16.13
CA TYR A 532 24.64 -3.84 -17.40
C TYR A 532 25.78 -3.98 -18.40
N ASP A 533 26.84 -3.19 -18.25
CA ASP A 533 28.01 -3.32 -19.10
C ASP A 533 29.02 -4.33 -18.58
N SER A 534 29.22 -4.38 -17.26
CA SER A 534 30.20 -5.31 -16.70
C SER A 534 29.75 -6.75 -16.86
N MET A 535 28.46 -7.01 -16.70
CA MET A 535 27.93 -8.37 -16.80
C MET A 535 27.64 -8.69 -18.27
N SER A 536 28.32 -9.69 -18.80
CA SER A 536 28.01 -10.16 -20.14
C SER A 536 26.65 -10.87 -20.15
N TYR A 537 26.15 -11.14 -21.36
CA TYR A 537 24.87 -11.83 -21.47
C TYR A 537 24.91 -13.17 -20.78
N GLU A 538 26.05 -13.87 -20.86
CA GLU A 538 26.19 -15.14 -20.16
C GLU A 538 26.08 -14.95 -18.65
N ASP A 539 26.69 -13.90 -18.12
CA ASP A 539 26.60 -13.64 -16.69
C ASP A 539 25.18 -13.37 -16.25
N GLN A 540 24.44 -12.56 -17.03
CA GLN A 540 23.06 -12.25 -16.69
C GLN A 540 22.19 -13.50 -16.76
N ASP A 541 22.40 -14.34 -17.78
CA ASP A 541 21.65 -15.58 -17.89
C ASP A 541 21.97 -16.51 -16.72
N ALA A 542 23.24 -16.56 -16.31
CA ALA A 542 23.62 -17.38 -15.17
C ALA A 542 22.96 -16.88 -13.89
N LEU A 543 22.89 -15.57 -13.70
CA LEU A 543 22.22 -15.01 -12.53
C LEU A 543 20.74 -15.37 -12.53
N PHE A 544 20.09 -15.27 -13.70
CA PHE A 544 18.68 -15.62 -13.78
C PHE A 544 18.45 -17.09 -13.45
N ALA A 545 19.25 -17.97 -14.03
CA ALA A 545 19.16 -19.40 -13.71
C ALA A 545 19.41 -19.64 -12.23
N TYR A 546 20.31 -18.88 -11.63
CA TYR A 546 20.56 -18.99 -10.19
C TYR A 546 19.32 -18.62 -9.40
N THR A 547 18.64 -17.54 -9.79
CA THR A 547 17.43 -17.14 -9.09
C THR A 547 16.27 -18.11 -9.31
N LYS A 548 16.35 -19.00 -10.29
CA LYS A 548 15.31 -20.01 -10.43
C LYS A 548 15.50 -21.19 -9.47
N ARG A 549 16.60 -21.24 -8.72
CA ARG A 549 16.83 -22.31 -7.75
C ARG A 549 17.16 -21.80 -6.35
N ASN A 550 17.33 -20.50 -6.16
CA ASN A 550 17.75 -19.94 -4.88
C ASN A 550 17.02 -18.65 -4.65
N VAL A 551 16.97 -18.23 -3.38
CA VAL A 551 16.37 -16.96 -2.99
C VAL A 551 17.48 -15.96 -2.73
N ILE A 552 17.39 -14.80 -3.37
CA ILE A 552 18.33 -13.71 -3.11
C ILE A 552 17.56 -12.57 -2.45
N PRO A 553 17.66 -12.40 -1.13
CA PRO A 553 17.07 -11.20 -0.52
C PRO A 553 17.93 -9.99 -0.81
N THR A 554 17.27 -8.86 -1.10
CA THR A 554 17.94 -7.63 -1.46
C THR A 554 17.46 -6.52 -0.56
N ILE A 555 18.13 -5.37 -0.64
CA ILE A 555 17.81 -4.19 0.15
C ILE A 555 17.18 -3.15 -0.76
N THR A 556 16.11 -2.53 -0.29
CA THR A 556 15.44 -1.45 -0.99
C THR A 556 15.74 -0.12 -0.29
N GLN A 557 16.01 0.91 -1.07
CA GLN A 557 16.36 2.22 -0.54
C GLN A 557 15.18 3.17 -0.71
N MET A 558 14.82 3.87 0.36
CA MET A 558 13.71 4.80 0.34
C MET A 558 14.24 6.20 0.07
N ASN A 559 13.74 6.83 -0.99
CA ASN A 559 14.20 8.15 -1.41
C ASN A 559 13.02 9.10 -1.42
N LEU A 560 13.28 10.37 -1.09
CA LEU A 560 12.24 11.38 -1.05
C LEU A 560 12.03 11.99 -2.44
N LYS A 561 10.77 12.08 -2.85
CA LYS A 561 10.42 12.66 -4.14
C LYS A 561 10.35 14.18 -4.04
N TYR A 562 10.84 14.85 -5.08
CA TYR A 562 10.86 16.31 -5.17
C TYR A 562 9.97 16.70 -6.34
N ALA A 563 8.68 16.85 -6.08
CA ALA A 563 7.69 17.06 -7.13
C ALA A 563 6.65 18.08 -6.67
N ILE A 564 5.93 18.62 -7.63
CA ILE A 564 4.87 19.59 -7.38
C ILE A 564 3.58 18.84 -7.08
N SER A 565 2.89 19.25 -6.02
CA SER A 565 1.67 18.57 -5.61
C SER A 565 0.76 19.56 -4.93
N ALA A 566 -0.51 19.17 -4.81
CA ALA A 566 -1.52 19.97 -4.13
C ALA A 566 -1.71 19.57 -2.67
N LYS A 567 -0.96 18.59 -2.18
CA LYS A 567 -1.08 18.10 -0.82
C LYS A 567 0.25 18.20 -0.11
N ASN A 568 0.20 18.46 1.19
CA ASN A 568 1.39 18.64 2.01
C ASN A 568 2.18 17.35 2.21
N ARG A 569 1.58 16.20 1.90
CA ARG A 569 2.25 14.92 2.15
C ARG A 569 3.50 14.78 1.28
N ALA A 570 4.54 14.19 1.87
CA ALA A 570 5.75 13.85 1.14
C ALA A 570 5.66 12.42 0.65
N ARG A 571 6.11 12.18 -0.58
CA ARG A 571 6.05 10.87 -1.20
C ARG A 571 7.45 10.29 -1.31
N THR A 572 7.58 9.01 -0.97
CA THR A 572 8.84 8.29 -1.03
C THR A 572 8.76 7.21 -2.10
N VAL A 573 9.87 7.00 -2.80
CA VAL A 573 9.99 6.01 -3.86
C VAL A 573 10.98 4.96 -3.43
N ALA A 574 10.78 3.74 -3.93
CA ALA A 574 11.59 2.58 -3.58
C ALA A 574 12.59 2.30 -4.70
N GLY A 575 13.87 2.39 -4.38
CA GLY A 575 14.92 1.98 -5.29
C GLY A 575 15.34 0.55 -5.01
N VAL A 576 15.00 -0.34 -5.92
CA VAL A 576 15.32 -1.76 -5.77
C VAL A 576 16.72 -2.03 -6.28
N SER A 577 17.33 -3.10 -5.76
CA SER A 577 18.69 -3.45 -6.15
C SER A 577 18.73 -3.85 -7.62
N ILE A 578 19.95 -3.82 -8.18
CA ILE A 578 20.11 -4.11 -9.60
C ILE A 578 19.88 -5.58 -9.90
N CYS A 579 20.24 -6.47 -8.97
CA CYS A 579 20.01 -7.90 -9.20
C CYS A 579 18.53 -8.20 -9.34
N SER A 580 17.73 -7.69 -8.41
CA SER A 580 16.29 -7.91 -8.46
C SER A 580 15.69 -7.35 -9.75
N THR A 581 16.08 -6.13 -10.11
CA THR A 581 15.55 -5.50 -11.32
C THR A 581 15.93 -6.31 -12.56
N MET A 582 17.19 -6.74 -12.65
CA MET A 582 17.65 -7.49 -13.80
C MET A 582 16.84 -8.78 -13.97
N THR A 583 16.75 -9.57 -12.90
CA THR A 583 16.08 -10.86 -13.01
C THR A 583 14.58 -10.69 -13.23
N ASN A 584 13.96 -9.71 -12.57
CA ASN A 584 12.53 -9.48 -12.77
C ASN A 584 12.24 -9.01 -14.19
N ARG A 585 13.12 -8.19 -14.77
CA ARG A 585 12.95 -7.83 -16.17
C ARG A 585 13.00 -9.07 -17.04
N GLN A 586 14.05 -9.87 -16.88
CA GLN A 586 14.18 -11.06 -17.70
C GLN A 586 13.01 -12.03 -17.51
N PHE A 587 12.32 -11.96 -16.38
CA PHE A 587 11.18 -12.83 -16.13
C PHE A 587 9.86 -12.29 -16.70
N HIS A 588 9.61 -10.99 -16.55
CA HIS A 588 8.28 -10.44 -16.81
C HIS A 588 8.18 -9.54 -18.03
N GLN A 589 9.29 -9.13 -18.65
CA GLN A 589 9.22 -8.06 -19.64
C GLN A 589 8.40 -8.45 -20.85
N LYS A 590 8.45 -9.72 -21.27
CA LYS A 590 7.67 -10.14 -22.43
C LYS A 590 6.18 -9.87 -22.21
N LEU A 591 5.65 -10.34 -21.07
CA LEU A 591 4.24 -10.11 -20.76
C LEU A 591 3.94 -8.63 -20.59
N LEU A 592 4.84 -7.89 -19.94
CA LEU A 592 4.58 -6.47 -19.73
C LEU A 592 4.47 -5.73 -21.06
N LYS A 593 5.41 -6.00 -21.98
CA LYS A 593 5.36 -5.38 -23.29
C LYS A 593 4.12 -5.80 -24.06
N SER A 594 3.72 -7.07 -23.92
CA SER A 594 2.50 -7.53 -24.58
C SER A 594 1.28 -6.76 -24.07
N ILE A 595 1.21 -6.54 -22.75
CA ILE A 595 0.09 -5.79 -22.19
C ILE A 595 0.11 -4.36 -22.69
N ALA A 596 1.29 -3.73 -22.70
CA ALA A 596 1.36 -2.32 -23.07
C ALA A 596 1.11 -2.07 -24.55
N ALA A 597 1.21 -3.10 -25.40
CA ALA A 597 1.05 -2.94 -26.83
C ALA A 597 -0.34 -3.29 -27.33
N THR A 598 -1.26 -3.63 -26.44
CA THR A 598 -2.59 -4.10 -26.82
C THR A 598 -3.62 -3.00 -26.64
N ARG A 599 -4.44 -2.79 -27.66
CA ARG A 599 -5.49 -1.79 -27.65
C ARG A 599 -6.85 -2.46 -27.58
N GLY A 600 -7.79 -1.80 -26.91
CA GLY A 600 -9.13 -2.32 -26.78
C GLY A 600 -9.37 -3.25 -25.61
N ALA A 601 -8.36 -3.49 -24.77
CA ALA A 601 -8.52 -4.34 -23.61
C ALA A 601 -8.95 -3.51 -22.40
N THR A 602 -9.23 -4.20 -21.28
CA THR A 602 -9.64 -3.51 -20.07
C THR A 602 -8.47 -2.77 -19.43
N VAL A 603 -7.28 -3.36 -19.48
CA VAL A 603 -6.08 -2.72 -18.95
C VAL A 603 -5.54 -1.80 -20.04
N VAL A 604 -5.59 -0.49 -19.80
CA VAL A 604 -5.25 0.51 -20.80
C VAL A 604 -3.85 1.06 -20.59
N ILE A 605 -2.98 0.35 -19.87
CA ILE A 605 -1.58 0.72 -19.80
C ILE A 605 -0.99 0.67 -21.20
N GLY A 606 -0.21 1.68 -21.55
CA GLY A 606 0.43 1.75 -22.85
C GLY A 606 -0.35 2.47 -23.91
N THR A 607 -1.59 2.87 -23.64
CA THR A 607 -2.41 3.58 -24.61
C THR A 607 -2.22 5.09 -24.43
N SER A 608 -1.89 5.76 -25.53
CA SER A 608 -1.75 7.21 -25.51
C SER A 608 -3.12 7.87 -25.48
N LYS A 609 -3.17 9.07 -24.91
CA LYS A 609 -4.37 9.89 -24.91
C LYS A 609 -4.42 10.87 -26.06
N PHE A 610 -3.42 10.87 -26.92
CA PHE A 610 -3.35 11.79 -28.05
C PHE A 610 -3.87 11.12 -29.31
N TYR A 611 -4.19 11.95 -30.30
CA TYR A 611 -4.64 11.48 -31.62
C TYR A 611 -5.87 10.60 -31.49
N GLY A 612 -6.80 10.98 -30.62
CA GLY A 612 -8.04 10.26 -30.46
C GLY A 612 -7.98 9.06 -29.54
N GLY A 613 -6.89 8.87 -28.81
CA GLY A 613 -6.81 7.72 -27.91
C GLY A 613 -7.80 7.81 -26.76
N TRP A 614 -8.02 9.03 -26.24
CA TRP A 614 -8.99 9.22 -25.17
C TRP A 614 -10.39 8.83 -25.62
N HIS A 615 -10.78 9.32 -26.80
CA HIS A 615 -12.09 8.97 -27.35
C HIS A 615 -12.21 7.48 -27.58
N ASN A 616 -11.15 6.86 -28.11
CA ASN A 616 -11.19 5.42 -28.35
C ASN A 616 -11.36 4.65 -27.04
N MET A 617 -10.62 5.04 -26.00
CA MET A 617 -10.74 4.34 -24.72
C MET A 617 -12.14 4.49 -24.14
N LEU A 618 -12.73 5.68 -24.21
CA LEU A 618 -14.07 5.86 -23.67
C LEU A 618 -15.10 5.07 -24.46
N LYS A 619 -15.05 5.13 -25.79
CA LYS A 619 -15.98 4.35 -26.59
C LYS A 619 -15.79 2.86 -26.37
N THR A 620 -14.57 2.43 -26.06
CA THR A 620 -14.34 1.02 -25.76
C THR A 620 -14.95 0.63 -24.41
N VAL A 621 -14.83 1.50 -23.41
CA VAL A 621 -15.36 1.14 -22.10
C VAL A 621 -16.88 1.20 -22.09
N TYR A 622 -17.49 2.03 -22.93
CA TYR A 622 -18.94 2.08 -22.96
C TYR A 622 -19.53 0.75 -23.46
N SER A 623 -18.94 0.18 -24.51
CA SER A 623 -19.14 -1.24 -24.86
C SER A 623 -20.61 -1.65 -24.84
N ASP A 624 -21.49 -0.75 -25.31
CA ASP A 624 -22.92 -1.05 -25.47
C ASP A 624 -23.52 -1.70 -24.23
N VAL A 625 -23.26 -1.10 -23.07
CA VAL A 625 -23.99 -1.47 -21.86
C VAL A 625 -25.42 -0.95 -21.99
N GLU A 626 -26.36 -1.66 -21.35
CA GLU A 626 -27.78 -1.41 -21.61
C GLU A 626 -28.25 -0.11 -20.98
N ASN A 627 -28.16 0.02 -19.66
CA ASN A 627 -28.59 1.24 -18.98
C ASN A 627 -27.36 1.92 -18.40
N PRO A 628 -26.47 2.43 -19.26
CA PRO A 628 -25.12 2.76 -18.82
C PRO A 628 -25.09 3.89 -17.80
N HIS A 629 -24.43 3.62 -16.67
CA HIS A 629 -23.99 4.64 -15.73
C HIS A 629 -22.51 4.48 -15.53
N LEU A 630 -21.81 5.57 -15.21
CA LEU A 630 -20.37 5.54 -14.99
C LEU A 630 -20.10 5.70 -13.50
N MET A 631 -19.11 4.96 -13.01
CA MET A 631 -18.63 5.16 -11.65
C MET A 631 -17.12 5.01 -11.63
N GLY A 632 -16.52 5.56 -10.59
CA GLY A 632 -15.07 5.51 -10.46
C GLY A 632 -14.64 5.64 -9.03
N TRP A 633 -13.45 5.13 -8.76
CA TRP A 633 -12.89 5.10 -7.42
C TRP A 633 -11.37 5.07 -7.53
N ASP A 634 -10.71 5.42 -6.44
CA ASP A 634 -9.26 5.28 -6.32
C ASP A 634 -8.94 4.86 -4.90
N TYR A 635 -8.04 3.89 -4.77
CA TYR A 635 -7.82 3.24 -3.48
C TYR A 635 -7.12 4.18 -2.51
N PRO A 636 -7.54 4.23 -1.25
CA PRO A 636 -6.77 4.99 -0.25
C PRO A 636 -5.65 4.15 0.33
N LYS A 637 -4.50 4.79 0.52
CA LYS A 637 -3.33 4.10 1.06
C LYS A 637 -3.03 2.85 0.25
N CYS A 638 -3.10 2.98 -1.08
CA CYS A 638 -3.08 1.80 -1.93
C CYS A 638 -1.82 0.97 -1.72
N ASP A 639 -0.66 1.61 -1.79
CA ASP A 639 0.59 0.86 -1.71
C ASP A 639 0.91 0.42 -0.29
N ARG A 640 0.52 1.21 0.72
CA ARG A 640 0.84 0.89 2.10
C ARG A 640 -0.15 -0.08 2.74
N ALA A 641 -1.30 -0.34 2.10
CA ALA A 641 -2.35 -1.13 2.71
C ALA A 641 -2.67 -2.41 1.97
N MET A 642 -2.08 -2.65 0.81
CA MET A 642 -2.39 -3.85 0.04
C MET A 642 -2.02 -5.08 0.85
N PRO A 643 -2.94 -6.00 1.11
CA PRO A 643 -2.57 -7.22 1.86
C PRO A 643 -1.65 -8.11 1.06
N ASN A 644 -0.85 -8.89 1.79
CA ASN A 644 0.16 -9.73 1.14
C ASN A 644 -0.47 -10.83 0.30
N MET A 645 -1.64 -11.33 0.70
CA MET A 645 -2.27 -12.40 -0.07
C MET A 645 -2.63 -11.94 -1.48
N LEU A 646 -3.15 -10.71 -1.60
CA LEU A 646 -3.53 -10.23 -2.92
C LEU A 646 -2.31 -9.90 -3.78
N ARG A 647 -1.22 -9.44 -3.16
CA ARG A 647 0.01 -9.23 -3.92
C ARG A 647 0.57 -10.56 -4.42
N ILE A 648 0.53 -11.59 -3.58
CA ILE A 648 0.96 -12.92 -4.02
C ILE A 648 0.06 -13.42 -5.14
N MET A 649 -1.24 -13.17 -5.04
CA MET A 649 -2.17 -13.58 -6.08
C MET A 649 -1.85 -12.88 -7.40
N ALA A 650 -1.55 -11.57 -7.35
CA ALA A 650 -1.19 -10.85 -8.57
C ALA A 650 0.09 -11.41 -9.18
N SER A 651 1.08 -11.71 -8.33
CA SER A 651 2.31 -12.29 -8.84
C SER A 651 2.05 -13.63 -9.52
N LEU A 652 1.20 -14.47 -8.92
CA LEU A 652 0.89 -15.77 -9.51
C LEU A 652 0.14 -15.61 -10.82
N VAL A 653 -0.79 -14.65 -10.90
CA VAL A 653 -1.50 -14.40 -12.15
C VAL A 653 -0.52 -13.99 -13.24
N LEU A 654 0.41 -13.09 -12.91
CA LEU A 654 1.40 -12.69 -13.91
C LEU A 654 2.27 -13.87 -14.33
N ALA A 655 2.65 -14.72 -13.38
CA ALA A 655 3.53 -15.84 -13.68
C ALA A 655 2.82 -17.00 -14.38
N ARG A 656 1.49 -16.98 -14.44
CA ARG A 656 0.77 -18.05 -15.14
C ARG A 656 1.13 -18.14 -16.63
N LYS A 657 1.92 -17.21 -17.15
CA LYS A 657 2.32 -17.23 -18.55
C LYS A 657 3.55 -18.10 -18.81
N HIS A 658 4.06 -18.78 -17.79
CA HIS A 658 5.28 -19.59 -17.89
C HIS A 658 4.97 -21.08 -17.79
N THR A 659 3.87 -21.51 -18.40
CA THR A 659 3.47 -22.91 -18.30
C THR A 659 4.40 -23.84 -19.05
N THR A 660 5.19 -23.33 -19.99
CA THR A 660 6.09 -24.14 -20.80
C THR A 660 7.56 -23.87 -20.53
N CYS A 661 7.94 -22.60 -20.32
CA CYS A 661 9.34 -22.26 -20.13
C CYS A 661 9.85 -22.58 -18.74
N CYS A 662 8.96 -22.80 -17.78
CA CYS A 662 9.36 -22.98 -16.39
C CYS A 662 8.73 -24.24 -15.81
N SER A 663 9.41 -24.82 -14.84
CA SER A 663 8.89 -25.93 -14.07
C SER A 663 8.13 -25.41 -12.84
N LEU A 664 7.49 -26.33 -12.12
CA LEU A 664 6.75 -25.93 -10.93
C LEU A 664 7.68 -25.32 -9.89
N SER A 665 8.84 -25.95 -9.66
CA SER A 665 9.79 -25.43 -8.68
C SER A 665 10.44 -24.14 -9.16
N HIS A 666 10.68 -24.02 -10.47
CA HIS A 666 11.21 -22.76 -11.00
C HIS A 666 10.25 -21.61 -10.70
N ARG A 667 8.96 -21.82 -10.96
CA ARG A 667 7.98 -20.79 -10.70
C ARG A 667 7.86 -20.50 -9.21
N PHE A 668 7.93 -21.54 -8.37
CA PHE A 668 7.87 -21.29 -6.93
C PHE A 668 9.05 -20.46 -6.46
N TYR A 669 10.26 -20.76 -6.94
CA TYR A 669 11.41 -20.00 -6.50
C TYR A 669 11.40 -18.59 -7.05
N ARG A 670 10.84 -18.40 -8.25
CA ARG A 670 10.65 -17.03 -8.73
C ARG A 670 9.68 -16.27 -7.84
N LEU A 671 8.59 -16.91 -7.41
CA LEU A 671 7.67 -16.28 -6.48
C LEU A 671 8.36 -15.95 -5.16
N ALA A 672 9.17 -16.87 -4.65
CA ALA A 672 9.87 -16.64 -3.39
C ALA A 672 10.84 -15.47 -3.51
N ASN A 673 11.58 -15.39 -4.61
CA ASN A 673 12.46 -14.26 -4.83
C ASN A 673 11.69 -12.95 -4.91
N GLU A 674 10.56 -12.96 -5.63
CA GLU A 674 9.75 -11.74 -5.71
C GLU A 674 9.30 -11.30 -4.33
N CYS A 675 8.80 -12.23 -3.53
CA CYS A 675 8.34 -11.89 -2.18
C CYS A 675 9.50 -11.36 -1.34
N ALA A 676 10.65 -12.02 -1.38
CA ALA A 676 11.78 -11.61 -0.57
C ALA A 676 12.38 -10.28 -1.03
N GLN A 677 12.13 -9.86 -2.26
CA GLN A 677 12.75 -8.66 -2.80
C GLN A 677 11.84 -7.45 -2.85
N VAL A 678 10.52 -7.62 -2.99
CA VAL A 678 9.62 -6.48 -3.13
C VAL A 678 8.42 -6.54 -2.19
N LEU A 679 8.28 -7.58 -1.38
CA LEU A 679 7.13 -7.72 -0.49
C LEU A 679 7.49 -7.53 0.97
N SER A 680 8.47 -8.28 1.47
CA SER A 680 8.89 -8.22 2.86
C SER A 680 10.40 -8.14 2.97
N GLU A 681 11.02 -7.31 2.12
CA GLU A 681 12.46 -7.18 2.11
C GLU A 681 12.90 -6.18 3.17
N MET A 682 14.22 -5.98 3.26
CA MET A 682 14.78 -4.98 4.17
C MET A 682 14.87 -3.65 3.45
N VAL A 683 14.59 -2.57 4.19
CA VAL A 683 14.50 -1.23 3.64
C VAL A 683 15.61 -0.38 4.25
N MET A 684 16.34 0.34 3.40
CA MET A 684 17.35 1.28 3.82
C MET A 684 16.70 2.67 3.88
N CYS A 685 16.58 3.22 5.08
CA CYS A 685 15.95 4.52 5.29
C CYS A 685 16.82 5.33 6.24
N GLY A 686 17.52 6.33 5.71
CA GLY A 686 18.36 7.16 6.54
C GLY A 686 19.55 6.45 7.14
N GLY A 687 20.17 5.53 6.40
CA GLY A 687 21.34 4.83 6.89
C GLY A 687 21.07 3.67 7.80
N SER A 688 19.82 3.21 7.91
CA SER A 688 19.44 2.14 8.81
C SER A 688 18.56 1.13 8.09
N LEU A 689 18.58 -0.11 8.57
CA LEU A 689 17.80 -1.18 7.99
C LEU A 689 16.54 -1.42 8.81
N TYR A 690 15.40 -1.49 8.14
CA TYR A 690 14.13 -1.80 8.74
C TYR A 690 13.50 -2.97 7.99
N VAL A 691 12.47 -3.56 8.58
CA VAL A 691 11.73 -4.65 7.96
C VAL A 691 10.41 -4.10 7.44
N LYS A 692 10.12 -4.38 6.17
CA LYS A 692 8.90 -3.90 5.55
C LYS A 692 7.78 -4.91 5.80
N PRO A 693 6.70 -4.54 6.51
CA PRO A 693 5.66 -5.52 6.79
C PRO A 693 4.99 -6.09 5.55
N GLY A 694 4.86 -5.29 4.49
CA GLY A 694 4.18 -5.75 3.30
C GLY A 694 3.84 -4.57 2.40
N GLY A 695 2.91 -4.81 1.49
CA GLY A 695 2.48 -3.80 0.56
C GLY A 695 3.38 -3.73 -0.66
N THR A 696 2.82 -3.19 -1.74
CA THR A 696 3.57 -3.09 -2.98
C THR A 696 4.74 -2.13 -2.81
N SER A 697 5.87 -2.47 -3.42
CA SER A 697 7.07 -1.63 -3.40
C SER A 697 7.10 -0.86 -4.71
N SER A 698 6.55 0.35 -4.68
CA SER A 698 6.45 1.18 -5.89
C SER A 698 7.86 1.54 -6.33
N GLY A 699 8.34 0.88 -7.39
CA GLY A 699 9.72 1.00 -7.79
C GLY A 699 10.31 -0.30 -8.28
N ASP A 700 9.51 -1.38 -8.25
CA ASP A 700 9.91 -2.64 -8.81
C ASP A 700 9.38 -2.77 -10.24
N ALA A 701 9.72 -3.88 -10.90
CA ALA A 701 9.50 -4.00 -12.34
C ALA A 701 8.00 -3.97 -12.69
N THR A 702 7.17 -4.65 -11.90
CA THR A 702 5.78 -4.92 -12.29
C THR A 702 4.78 -4.22 -11.38
N THR A 703 5.12 -3.04 -10.87
CA THR A 703 4.25 -2.39 -9.89
C THR A 703 2.91 -2.01 -10.51
N ALA A 704 2.91 -1.41 -11.70
CA ALA A 704 1.67 -0.93 -12.30
C ALA A 704 0.78 -2.09 -12.73
N TYR A 705 1.38 -3.13 -13.30
CA TYR A 705 0.59 -4.26 -13.78
C TYR A 705 0.05 -5.08 -12.62
N ALA A 706 0.85 -5.23 -11.55
CA ALA A 706 0.35 -5.86 -10.33
C ALA A 706 -0.80 -5.05 -9.73
N ASN A 707 -0.68 -3.71 -9.75
CA ASN A 707 -1.79 -2.88 -9.29
C ASN A 707 -3.03 -3.11 -10.13
N SER A 708 -2.86 -3.26 -11.45
CA SER A 708 -4.02 -3.53 -12.31
C SER A 708 -4.68 -4.85 -11.96
N VAL A 709 -3.88 -5.89 -11.74
CA VAL A 709 -4.44 -7.19 -11.35
C VAL A 709 -5.20 -7.07 -10.04
N PHE A 710 -4.61 -6.37 -9.06
CA PHE A 710 -5.26 -6.19 -7.77
C PHE A 710 -6.58 -5.45 -7.90
N ASN A 711 -6.60 -4.40 -8.74
CA ASN A 711 -7.81 -3.63 -8.94
C ASN A 711 -8.92 -4.48 -9.57
N ILE A 712 -8.57 -5.27 -10.60
CA ILE A 712 -9.57 -6.12 -11.22
C ILE A 712 -10.06 -7.17 -10.23
N CYS A 713 -9.17 -7.70 -9.40
CA CYS A 713 -9.58 -8.67 -8.39
C CYS A 713 -10.60 -8.06 -7.42
N GLN A 714 -10.34 -6.84 -6.96
CA GLN A 714 -11.27 -6.21 -6.03
C GLN A 714 -12.63 -5.96 -6.71
N ALA A 715 -12.61 -5.57 -7.98
CA ALA A 715 -13.87 -5.35 -8.69
C ALA A 715 -14.67 -6.65 -8.84
N VAL A 716 -13.99 -7.73 -9.19
CA VAL A 716 -14.68 -9.02 -9.33
C VAL A 716 -15.22 -9.50 -8.00
N THR A 717 -14.45 -9.30 -6.92
CA THR A 717 -14.94 -9.67 -5.59
C THR A 717 -16.18 -8.86 -5.23
N ALA A 718 -16.18 -7.56 -5.55
CA ALA A 718 -17.36 -6.75 -5.29
C ALA A 718 -18.57 -7.28 -6.04
N ASN A 719 -18.38 -7.69 -7.29
CA ASN A 719 -19.50 -8.23 -8.05
C ASN A 719 -20.00 -9.55 -7.46
N VAL A 720 -19.09 -10.42 -7.04
CA VAL A 720 -19.49 -11.69 -6.44
C VAL A 720 -20.29 -11.44 -5.17
N ASN A 721 -19.82 -10.53 -4.31
CA ASN A 721 -20.53 -10.24 -3.08
C ASN A 721 -21.86 -9.57 -3.35
N ALA A 722 -21.94 -8.73 -4.38
CA ALA A 722 -23.21 -8.13 -4.75
C ALA A 722 -24.22 -9.19 -5.16
N LEU A 723 -23.78 -10.17 -5.97
CA LEU A 723 -24.71 -11.14 -6.51
C LEU A 723 -25.12 -12.18 -5.45
N LEU A 724 -24.21 -12.58 -4.56
CA LEU A 724 -24.54 -13.60 -3.59
C LEU A 724 -25.24 -13.06 -2.34
N SER A 725 -25.21 -11.76 -2.11
CA SER A 725 -25.87 -11.16 -0.95
C SER A 725 -27.28 -10.70 -1.26
N THR A 726 -27.80 -10.99 -2.45
CA THR A 726 -29.13 -10.59 -2.86
C THR A 726 -30.09 -11.75 -2.67
N ASP A 727 -31.27 -11.46 -2.12
CA ASP A 727 -32.28 -12.48 -1.93
C ASP A 727 -32.65 -13.10 -3.28
N GLY A 728 -32.53 -14.42 -3.37
CA GLY A 728 -32.80 -15.11 -4.62
C GLY A 728 -34.26 -15.20 -4.98
N ASN A 729 -35.14 -15.15 -3.99
CA ASN A 729 -36.58 -15.24 -4.26
C ASN A 729 -37.12 -13.99 -4.95
N LYS A 730 -36.40 -12.88 -4.86
CA LYS A 730 -36.85 -11.62 -5.43
C LYS A 730 -36.18 -11.29 -6.76
N ILE A 731 -35.35 -12.19 -7.28
CA ILE A 731 -34.74 -12.00 -8.61
C ILE A 731 -35.75 -12.46 -9.65
N ALA A 732 -36.27 -11.51 -10.44
CA ALA A 732 -37.30 -11.83 -11.42
C ALA A 732 -36.74 -12.46 -12.68
N ASP A 733 -35.43 -12.38 -12.91
CA ASP A 733 -34.81 -12.97 -14.09
C ASP A 733 -34.34 -14.38 -13.76
N LYS A 734 -34.86 -15.37 -14.49
CA LYS A 734 -34.47 -16.75 -14.24
C LYS A 734 -32.99 -16.98 -14.53
N TYR A 735 -32.48 -16.34 -15.59
CA TYR A 735 -31.08 -16.52 -15.94
C TYR A 735 -30.16 -16.09 -14.81
N VAL A 736 -30.44 -14.94 -14.20
CA VAL A 736 -29.58 -14.45 -13.14
C VAL A 736 -29.77 -15.23 -11.85
N ARG A 737 -30.94 -15.83 -11.64
CA ARG A 737 -31.13 -16.65 -10.46
C ARG A 737 -30.39 -17.98 -10.59
N ASN A 738 -30.33 -18.54 -11.79
CA ASN A 738 -29.53 -19.74 -11.98
C ASN A 738 -28.04 -19.40 -11.98
N LEU A 739 -27.68 -18.21 -12.44
CA LEU A 739 -26.31 -17.74 -12.32
C LEU A 739 -25.89 -17.65 -10.86
N GLN A 740 -26.76 -17.09 -10.00
CA GLN A 740 -26.45 -17.01 -8.57
C GLN A 740 -26.31 -18.40 -7.96
N HIS A 741 -27.25 -19.29 -8.27
CA HIS A 741 -27.19 -20.64 -7.71
C HIS A 741 -25.89 -21.33 -8.09
N ARG A 742 -25.52 -21.25 -9.38
CA ARG A 742 -24.31 -21.92 -9.84
C ARG A 742 -23.06 -21.23 -9.34
N LEU A 743 -23.11 -19.92 -9.09
CA LEU A 743 -21.96 -19.23 -8.51
C LEU A 743 -21.73 -19.69 -7.08
N TYR A 744 -22.80 -19.84 -6.30
CA TYR A 744 -22.64 -20.39 -4.96
C TYR A 744 -22.08 -21.81 -5.02
N GLU A 745 -22.60 -22.63 -5.94
CA GLU A 745 -22.07 -23.98 -6.10
C GLU A 745 -20.57 -23.94 -6.37
N CYS A 746 -20.14 -23.11 -7.32
CA CYS A 746 -18.74 -23.09 -7.71
C CYS A 746 -17.85 -22.58 -6.60
N LEU A 747 -18.33 -21.62 -5.80
CA LEU A 747 -17.53 -21.13 -4.69
C LEU A 747 -17.41 -22.18 -3.59
N TYR A 748 -18.54 -22.57 -3.00
CA TYR A 748 -18.53 -23.27 -1.72
C TYR A 748 -18.91 -24.74 -1.79
N ARG A 749 -19.17 -25.30 -2.97
CA ARG A 749 -19.58 -26.70 -3.05
C ARG A 749 -18.77 -27.48 -4.07
N ASN A 750 -18.21 -26.81 -5.06
CA ASN A 750 -17.44 -27.46 -6.12
C ASN A 750 -15.97 -27.16 -5.92
N ARG A 751 -15.15 -28.21 -5.94
CA ARG A 751 -13.72 -28.08 -5.67
C ARG A 751 -12.91 -27.83 -6.95
N ASP A 752 -13.14 -28.64 -7.98
CA ASP A 752 -12.46 -28.43 -9.25
C ASP A 752 -12.99 -27.18 -9.95
N VAL A 753 -12.13 -26.55 -10.73
CA VAL A 753 -12.53 -25.36 -11.48
C VAL A 753 -13.53 -25.76 -12.55
N ASP A 754 -14.67 -25.08 -12.58
CA ASP A 754 -15.66 -25.26 -13.64
C ASP A 754 -15.37 -24.21 -14.71
N THR A 755 -14.71 -24.64 -15.79
CA THR A 755 -14.30 -23.70 -16.82
C THR A 755 -15.50 -23.04 -17.49
N ASP A 756 -16.56 -23.81 -17.75
CA ASP A 756 -17.72 -23.26 -18.44
C ASP A 756 -18.35 -22.13 -17.65
N PHE A 757 -18.52 -22.31 -16.33
CA PHE A 757 -19.12 -21.24 -15.55
C PHE A 757 -18.18 -20.04 -15.39
N VAL A 758 -16.87 -20.27 -15.34
CA VAL A 758 -15.95 -19.14 -15.32
C VAL A 758 -16.12 -18.31 -16.59
N ASN A 759 -16.21 -18.98 -17.73
CA ASN A 759 -16.44 -18.27 -18.99
C ASN A 759 -17.78 -17.53 -18.97
N GLU A 760 -18.83 -18.18 -18.45
CA GLU A 760 -20.15 -17.56 -18.42
C GLU A 760 -20.18 -16.34 -17.52
N PHE A 761 -19.58 -16.43 -16.34
CA PHE A 761 -19.55 -15.29 -15.42
C PHE A 761 -18.68 -14.17 -15.98
N TYR A 762 -17.57 -14.51 -16.63
CA TYR A 762 -16.77 -13.48 -17.28
C TYR A 762 -17.56 -12.76 -18.37
N ALA A 763 -18.32 -13.52 -19.17
CA ALA A 763 -19.16 -12.90 -20.19
C ALA A 763 -20.22 -12.00 -19.57
N TYR A 764 -20.82 -12.45 -18.46
CA TYR A 764 -21.82 -11.66 -17.76
C TYR A 764 -21.23 -10.33 -17.28
N LEU A 765 -20.04 -10.39 -16.67
CA LEU A 765 -19.38 -9.16 -16.21
C LEU A 765 -19.05 -8.25 -17.38
N ARG A 766 -18.48 -8.81 -18.44
CA ARG A 766 -18.17 -8.01 -19.62
C ARG A 766 -19.43 -7.32 -20.15
N LYS A 767 -20.57 -8.02 -20.11
CA LYS A 767 -21.80 -7.47 -20.66
C LYS A 767 -22.36 -6.35 -19.80
N HIS A 768 -22.35 -6.53 -18.47
CA HIS A 768 -23.03 -5.61 -17.57
C HIS A 768 -22.09 -4.77 -16.72
N PHE A 769 -20.79 -5.05 -16.71
CA PHE A 769 -19.84 -4.35 -15.85
C PHE A 769 -18.55 -4.20 -16.65
N SER A 770 -18.43 -3.10 -17.39
CA SER A 770 -17.33 -2.88 -18.32
C SER A 770 -16.30 -1.97 -17.65
N MET A 771 -15.08 -2.46 -17.51
CA MET A 771 -14.04 -1.77 -16.76
C MET A 771 -12.96 -1.21 -17.70
N MET A 772 -12.38 -0.10 -17.27
CA MET A 772 -11.17 0.47 -17.86
C MET A 772 -10.20 0.70 -16.72
N ILE A 773 -9.08 -0.01 -16.74
CA ILE A 773 -8.18 -0.15 -15.59
C ILE A 773 -6.82 0.38 -15.97
N LEU A 774 -6.24 1.20 -15.10
CA LEU A 774 -4.86 1.67 -15.25
C LEU A 774 -4.29 1.76 -13.84
N SER A 775 -3.50 0.75 -13.45
CA SER A 775 -2.94 0.66 -12.11
C SER A 775 -4.12 0.73 -11.13
N ASP A 776 -4.06 1.54 -10.07
CA ASP A 776 -5.13 1.62 -9.09
C ASP A 776 -6.23 2.58 -9.50
N ASP A 777 -6.31 2.97 -10.77
CA ASP A 777 -7.36 3.86 -11.26
C ASP A 777 -8.31 3.07 -12.15
N ALA A 778 -9.62 3.29 -11.98
CA ALA A 778 -10.62 2.55 -12.72
C ALA A 778 -11.78 3.44 -13.10
N VAL A 779 -12.36 3.16 -14.27
CA VAL A 779 -13.67 3.65 -14.68
C VAL A 779 -14.54 2.45 -14.99
N VAL A 780 -15.80 2.50 -14.60
CA VAL A 780 -16.73 1.42 -14.86
C VAL A 780 -17.98 1.98 -15.53
N CYS A 781 -18.39 1.35 -16.61
CA CYS A 781 -19.72 1.54 -17.19
C CYS A 781 -20.55 0.32 -16.83
N PHE A 782 -21.67 0.53 -16.15
CA PHE A 782 -22.44 -0.57 -15.60
C PHE A 782 -23.93 -0.36 -15.87
N ASN A 783 -24.65 -1.47 -15.93
CA ASN A 783 -26.09 -1.48 -16.10
C ASN A 783 -26.73 -1.00 -14.81
N SER A 784 -27.30 0.21 -14.84
CA SER A 784 -27.81 0.82 -13.62
C SER A 784 -28.99 0.06 -13.03
N THR A 785 -29.80 -0.57 -13.88
CA THR A 785 -30.94 -1.33 -13.38
C THR A 785 -30.47 -2.53 -12.57
N TYR A 786 -29.48 -3.27 -13.08
CA TYR A 786 -28.93 -4.39 -12.33
C TYR A 786 -28.32 -3.93 -11.02
N ALA A 787 -27.60 -2.81 -11.03
CA ALA A 787 -27.00 -2.30 -9.80
C ALA A 787 -28.08 -1.94 -8.79
N SER A 788 -29.17 -1.33 -9.24
CA SER A 788 -30.26 -1.00 -8.34
C SER A 788 -30.95 -2.25 -7.81
N GLN A 789 -30.99 -3.32 -8.60
CA GLN A 789 -31.58 -4.58 -8.18
C GLN A 789 -30.60 -5.48 -7.44
N GLY A 790 -29.33 -5.09 -7.35
CA GLY A 790 -28.34 -5.87 -6.64
C GLY A 790 -27.66 -6.96 -7.44
N LEU A 791 -27.77 -6.93 -8.76
CA LEU A 791 -27.20 -7.98 -9.60
C LEU A 791 -25.78 -7.68 -10.05
N VAL A 792 -25.34 -6.42 -9.98
CA VAL A 792 -23.95 -6.05 -10.20
C VAL A 792 -23.53 -5.13 -9.06
N ALA A 793 -22.22 -4.93 -8.94
CA ALA A 793 -21.68 -4.16 -7.84
C ALA A 793 -22.05 -2.68 -7.97
N SER A 794 -21.97 -1.99 -6.84
CA SER A 794 -22.14 -0.54 -6.79
C SER A 794 -21.05 0.01 -5.88
N ILE A 795 -21.17 1.28 -5.51
CA ILE A 795 -20.16 1.89 -4.66
C ILE A 795 -20.19 1.27 -3.27
N LYS A 796 -21.37 0.92 -2.77
CA LYS A 796 -21.45 0.37 -1.42
C LYS A 796 -20.81 -1.01 -1.35
N ASN A 797 -20.94 -1.81 -2.41
CA ASN A 797 -20.27 -3.11 -2.44
C ASN A 797 -18.76 -2.95 -2.44
N PHE A 798 -18.25 -1.97 -3.19
CA PHE A 798 -16.82 -1.69 -3.15
C PHE A 798 -16.38 -1.25 -1.77
N LYS A 799 -17.17 -0.42 -1.10
CA LYS A 799 -16.84 0.00 0.25
C LYS A 799 -16.76 -1.20 1.19
N SER A 800 -17.73 -2.11 1.10
CA SER A 800 -17.74 -3.28 1.96
C SER A 800 -16.53 -4.17 1.70
N VAL A 801 -16.23 -4.41 0.42
CA VAL A 801 -15.11 -5.27 0.08
C VAL A 801 -13.80 -4.66 0.56
N LEU A 802 -13.62 -3.36 0.34
CA LEU A 802 -12.41 -2.70 0.82
C LEU A 802 -12.31 -2.79 2.33
N TYR A 803 -13.42 -2.59 3.03
CA TYR A 803 -13.38 -2.66 4.49
C TYR A 803 -12.91 -4.03 4.97
N TYR A 804 -13.53 -5.10 4.47
CA TYR A 804 -13.23 -6.42 5.05
C TYR A 804 -12.07 -7.14 4.37
N GLN A 805 -11.54 -6.63 3.26
CA GLN A 805 -10.46 -7.31 2.55
C GLN A 805 -9.23 -6.44 2.34
N ASN A 806 -9.27 -5.17 2.74
CA ASN A 806 -8.15 -4.27 2.51
C ASN A 806 -7.87 -3.37 3.71
N ASN A 807 -8.68 -3.44 4.76
CA ASN A 807 -8.45 -2.70 6.00
C ASN A 807 -8.38 -1.20 5.75
N VAL A 808 -9.22 -0.70 4.86
CA VAL A 808 -9.34 0.72 4.59
C VAL A 808 -10.81 1.06 4.44
N PHE A 809 -11.22 2.20 4.98
CA PHE A 809 -12.55 2.73 4.76
C PHE A 809 -12.50 3.71 3.59
N MET A 810 -13.30 3.46 2.56
CA MET A 810 -13.33 4.31 1.38
C MET A 810 -14.45 5.33 1.52
N SER A 811 -14.09 6.61 1.48
CA SER A 811 -15.05 7.67 1.63
C SER A 811 -15.81 7.90 0.33
N GLU A 812 -17.09 8.29 0.47
CA GLU A 812 -17.91 8.59 -0.70
C GLU A 812 -17.46 9.84 -1.44
N ALA A 813 -16.56 10.63 -0.86
CA ALA A 813 -15.95 11.73 -1.58
C ALA A 813 -14.80 11.27 -2.46
N LYS A 814 -14.20 10.11 -2.13
CA LYS A 814 -13.16 9.55 -2.99
C LYS A 814 -13.73 9.05 -4.32
N CYS A 815 -14.94 8.50 -4.27
CA CYS A 815 -15.59 7.92 -5.44
C CYS A 815 -16.40 8.96 -6.19
N TRP A 816 -16.85 8.60 -7.39
CA TRP A 816 -17.74 9.47 -8.15
C TRP A 816 -18.66 8.62 -9.01
N THR A 817 -19.81 9.20 -9.37
CA THR A 817 -20.80 8.55 -10.21
C THR A 817 -21.38 9.57 -11.18
N GLU A 818 -21.48 9.18 -12.45
CA GLU A 818 -22.03 10.02 -13.51
C GLU A 818 -23.18 9.28 -14.18
N THR A 819 -24.37 9.88 -14.15
CA THR A 819 -25.54 9.28 -14.78
C THR A 819 -25.69 9.67 -16.25
N ASP A 820 -24.96 10.68 -16.70
CA ASP A 820 -25.03 11.17 -18.07
C ASP A 820 -23.72 10.83 -18.78
N LEU A 821 -23.76 9.90 -19.74
CA LEU A 821 -22.55 9.47 -20.41
C LEU A 821 -21.96 10.54 -21.31
N THR A 822 -22.75 11.52 -21.74
CA THR A 822 -22.22 12.58 -22.58
C THR A 822 -21.28 13.51 -21.81
N LYS A 823 -21.35 13.50 -20.48
CA LYS A 823 -20.38 14.25 -19.67
C LYS A 823 -19.04 13.53 -19.57
N GLY A 824 -19.00 12.23 -19.84
CA GLY A 824 -17.79 11.46 -19.70
C GLY A 824 -17.49 11.19 -18.23
N PRO A 825 -16.47 10.38 -17.97
CA PRO A 825 -16.09 10.13 -16.57
C PRO A 825 -15.64 11.40 -15.89
N HIS A 826 -15.96 11.50 -14.59
CA HIS A 826 -15.65 12.71 -13.84
C HIS A 826 -14.15 12.96 -13.82
N GLU A 827 -13.36 11.96 -13.44
CA GLU A 827 -11.91 12.07 -13.47
C GLU A 827 -11.31 10.71 -13.76
N PHE A 828 -10.22 10.72 -14.54
CA PHE A 828 -9.43 9.51 -14.77
C PHE A 828 -8.00 9.94 -15.02
N CYS A 829 -7.07 9.42 -14.21
CA CYS A 829 -5.66 9.80 -14.31
C CYS A 829 -5.50 11.32 -14.23
N SER A 830 -6.25 11.94 -13.32
CA SER A 830 -6.20 13.38 -13.07
C SER A 830 -6.67 14.21 -14.25
N GLN A 831 -7.40 13.61 -15.19
CA GLN A 831 -7.89 14.30 -16.37
C GLN A 831 -9.41 14.36 -16.33
N HIS A 832 -9.96 15.53 -16.66
CA HIS A 832 -11.39 15.68 -16.87
C HIS A 832 -11.70 15.50 -18.34
N THR A 833 -12.96 15.22 -18.64
CA THR A 833 -13.39 14.91 -20.00
C THR A 833 -14.42 15.92 -20.47
N MET A 834 -14.35 16.25 -21.77
CA MET A 834 -15.37 17.09 -22.37
C MET A 834 -15.68 16.60 -23.78
N LEU A 835 -16.96 16.64 -24.14
CA LEU A 835 -17.40 16.25 -25.48
C LEU A 835 -17.49 17.50 -26.34
N VAL A 836 -16.60 17.62 -27.32
CA VAL A 836 -16.48 18.83 -28.13
C VAL A 836 -16.57 18.45 -29.60
N LYS A 837 -17.04 19.40 -30.41
CA LYS A 837 -17.10 19.20 -31.85
C LYS A 837 -15.72 19.44 -32.44
N GLN A 838 -15.22 18.46 -33.19
CA GLN A 838 -13.89 18.50 -33.81
C GLN A 838 -14.09 18.22 -35.29
N GLY A 839 -14.33 19.27 -36.06
CA GLY A 839 -14.64 19.13 -37.46
C GLY A 839 -16.12 18.91 -37.69
N ASP A 840 -16.52 17.68 -38.00
CA ASP A 840 -17.90 17.34 -38.25
C ASP A 840 -18.48 16.36 -37.25
N ASP A 841 -17.69 15.89 -36.28
CA ASP A 841 -18.13 14.90 -35.32
C ASP A 841 -17.71 15.31 -33.92
N TYR A 842 -18.41 14.79 -32.92
CA TYR A 842 -18.13 15.10 -31.53
C TYR A 842 -17.22 14.03 -30.94
N VAL A 843 -16.16 14.48 -30.28
CA VAL A 843 -15.16 13.59 -29.69
C VAL A 843 -14.93 13.99 -28.25
N TYR A 844 -14.48 13.02 -27.45
CA TYR A 844 -14.11 13.27 -26.06
C TYR A 844 -12.66 13.69 -25.98
N LEU A 845 -12.40 14.79 -25.29
CA LEU A 845 -11.06 15.29 -25.11
C LEU A 845 -10.74 15.40 -23.62
N PRO A 846 -9.51 15.09 -23.21
CA PRO A 846 -9.11 15.28 -21.82
C PRO A 846 -8.50 16.64 -21.60
N TYR A 847 -8.82 17.24 -20.46
CA TYR A 847 -8.20 18.49 -20.06
C TYR A 847 -7.78 18.42 -18.60
N PRO A 848 -6.67 19.07 -18.25
CA PRO A 848 -6.18 18.99 -16.87
C PRO A 848 -6.75 20.07 -15.97
N ASP A 849 -6.30 20.09 -14.73
CA ASP A 849 -6.60 21.20 -13.84
C ASP A 849 -5.80 22.42 -14.28
N PRO A 850 -6.43 23.56 -14.56
CA PRO A 850 -5.63 24.74 -14.94
C PRO A 850 -4.63 25.13 -13.87
N SER A 851 -4.96 24.90 -12.60
CA SER A 851 -4.04 25.21 -11.52
C SER A 851 -2.76 24.39 -11.65
N ARG A 852 -2.88 23.13 -12.08
CA ARG A 852 -1.69 22.29 -12.23
C ARG A 852 -0.74 22.86 -13.27
N ILE A 853 -1.27 23.26 -14.42
CA ILE A 853 -0.43 23.80 -15.48
C ILE A 853 0.17 25.14 -15.07
N LEU A 854 -0.63 26.00 -14.42
CA LEU A 854 -0.11 27.29 -13.98
C LEU A 854 0.97 27.12 -12.92
N GLY A 855 0.80 26.15 -12.01
CA GLY A 855 1.83 25.88 -11.04
C GLY A 855 3.10 25.33 -11.66
N ALA A 856 2.96 24.48 -12.68
CA ALA A 856 4.12 24.00 -13.41
C ALA A 856 4.87 25.17 -14.05
N GLY A 857 4.12 26.12 -14.61
CA GLY A 857 4.77 27.30 -15.17
C GLY A 857 5.45 28.17 -14.13
N CYS A 858 4.78 28.40 -13.00
CA CYS A 858 5.27 29.37 -12.02
C CYS A 858 6.40 28.81 -11.17
N PHE A 859 6.35 27.53 -10.82
CA PHE A 859 7.30 26.93 -9.89
C PHE A 859 8.07 25.82 -10.58
N VAL A 860 9.39 25.81 -10.36
CA VAL A 860 10.28 24.83 -10.97
C VAL A 860 11.17 24.24 -9.88
N ASP A 861 11.76 23.09 -10.18
CA ASP A 861 12.61 22.37 -9.24
C ASP A 861 14.09 22.61 -9.51
N ASP A 862 14.42 23.56 -10.39
CA ASP A 862 15.81 23.86 -10.71
C ASP A 862 15.92 25.35 -11.03
N ILE A 863 17.00 25.97 -10.60
CA ILE A 863 17.15 27.41 -10.78
C ILE A 863 17.27 27.76 -12.26
N VAL A 864 18.00 26.94 -13.03
CA VAL A 864 18.19 27.25 -14.44
C VAL A 864 16.88 27.15 -15.21
N LYS A 865 15.88 26.46 -14.66
CA LYS A 865 14.57 26.42 -15.28
C LYS A 865 13.80 27.73 -15.13
N THR A 866 14.32 28.69 -14.36
CA THR A 866 13.70 29.99 -14.21
C THR A 866 14.11 30.97 -15.29
N ASP A 867 15.10 30.62 -16.12
CA ASP A 867 15.46 31.42 -17.28
C ASP A 867 14.66 30.91 -18.47
N GLY A 868 13.68 31.70 -18.92
CA GLY A 868 12.73 31.20 -19.90
C GLY A 868 13.36 30.88 -21.24
N THR A 869 14.32 31.70 -21.68
CA THR A 869 14.87 31.53 -23.02
C THR A 869 15.56 30.18 -23.20
N LEU A 870 16.00 29.56 -22.11
CA LEU A 870 16.65 28.26 -22.18
C LEU A 870 15.69 27.09 -22.14
N MET A 871 14.40 27.33 -21.88
CA MET A 871 13.44 26.28 -21.60
C MET A 871 12.14 26.52 -22.34
N ILE A 872 12.23 26.85 -23.63
CA ILE A 872 11.03 27.07 -24.42
C ILE A 872 10.30 25.76 -24.69
N GLU A 873 11.04 24.65 -24.84
CA GLU A 873 10.39 23.38 -25.15
C GLU A 873 9.50 22.92 -24.00
N ARG A 874 9.86 23.22 -22.76
CA ARG A 874 9.01 22.82 -21.64
C ARG A 874 7.69 23.59 -21.66
N PHE A 875 7.73 24.86 -22.06
CA PHE A 875 6.49 25.61 -22.22
C PHE A 875 5.68 25.12 -23.41
N VAL A 876 6.35 24.65 -24.46
CA VAL A 876 5.62 24.03 -25.57
C VAL A 876 4.89 22.78 -25.10
N SER A 877 5.55 21.95 -24.29
CA SER A 877 4.90 20.76 -23.75
C SER A 877 3.74 21.13 -22.84
N LEU A 878 3.91 22.14 -21.99
CA LEU A 878 2.82 22.58 -21.13
C LEU A 878 1.64 23.10 -21.95
N ALA A 879 1.93 23.80 -23.05
CA ALA A 879 0.87 24.26 -23.95
C ALA A 879 0.16 23.08 -24.60
N ILE A 880 0.90 22.04 -24.98
CA ILE A 880 0.28 20.84 -25.50
C ILE A 880 -0.69 20.26 -24.48
N ASP A 881 -0.27 20.21 -23.22
CA ASP A 881 -1.14 19.67 -22.18
C ASP A 881 -2.36 20.57 -21.94
N ALA A 882 -2.20 21.87 -22.09
CA ALA A 882 -3.26 22.82 -21.78
C ALA A 882 -4.18 23.15 -22.95
N TYR A 883 -3.87 22.68 -24.16
CA TYR A 883 -4.68 23.04 -25.32
C TYR A 883 -6.16 22.78 -25.16
N PRO A 884 -6.61 21.62 -24.68
CA PRO A 884 -8.06 21.35 -24.65
C PRO A 884 -8.84 22.31 -23.78
N LEU A 885 -8.18 23.09 -22.93
CA LEU A 885 -8.89 24.08 -22.12
C LEU A 885 -9.53 25.16 -22.96
N THR A 886 -9.07 25.37 -24.19
CA THR A 886 -9.70 26.36 -25.05
C THR A 886 -11.13 25.98 -25.41
N LYS A 887 -11.43 24.69 -25.41
CA LYS A 887 -12.78 24.20 -25.68
C LYS A 887 -13.69 24.31 -24.47
N HIS A 888 -13.16 24.69 -23.31
CA HIS A 888 -13.96 24.76 -22.11
C HIS A 888 -14.97 25.90 -22.21
N PRO A 889 -16.16 25.75 -21.63
CA PRO A 889 -17.13 26.85 -21.59
C PRO A 889 -16.79 27.94 -20.59
N ASN A 890 -15.70 27.81 -19.86
CA ASN A 890 -15.23 28.84 -18.93
C ASN A 890 -14.06 29.57 -19.58
N GLN A 891 -14.20 30.89 -19.74
CA GLN A 891 -13.16 31.66 -20.41
C GLN A 891 -11.87 31.70 -19.59
N GLU A 892 -11.99 31.69 -18.26
CA GLU A 892 -10.79 31.68 -17.43
C GLU A 892 -9.96 30.44 -17.70
N TYR A 893 -10.62 29.28 -17.86
CA TYR A 893 -9.91 28.07 -18.25
C TYR A 893 -9.29 28.20 -19.63
N ALA A 894 -10.04 28.78 -20.58
CA ALA A 894 -9.55 28.88 -21.95
C ALA A 894 -8.34 29.79 -22.06
N ASP A 895 -8.22 30.77 -21.15
CA ASP A 895 -7.15 31.75 -21.26
C ASP A 895 -5.77 31.18 -20.99
N VAL A 896 -5.68 30.02 -20.36
CA VAL A 896 -4.37 29.46 -19.98
C VAL A 896 -3.57 29.13 -21.23
N PHE A 897 -4.19 28.49 -22.22
CA PHE A 897 -3.48 28.11 -23.43
C PHE A 897 -2.98 29.34 -24.18
N HIS A 898 -3.82 30.37 -24.29
CA HIS A 898 -3.40 31.59 -24.96
C HIS A 898 -2.28 32.28 -24.20
N LEU A 899 -2.33 32.25 -22.87
CA LEU A 899 -1.24 32.79 -22.07
C LEU A 899 0.07 32.07 -22.39
N TYR A 900 0.02 30.74 -22.46
CA TYR A 900 1.24 29.99 -22.76
C TYR A 900 1.76 30.31 -24.16
N LEU A 901 0.87 30.44 -25.14
CA LEU A 901 1.32 30.78 -26.49
C LEU A 901 1.96 32.16 -26.53
N GLN A 902 1.34 33.12 -25.86
CA GLN A 902 1.91 34.48 -25.81
C GLN A 902 3.26 34.47 -25.13
N TYR A 903 3.40 33.69 -24.05
CA TYR A 903 4.69 33.62 -23.36
C TYR A 903 5.74 32.96 -24.24
N ILE A 904 5.35 31.95 -25.02
CA ILE A 904 6.31 31.33 -25.94
C ILE A 904 6.78 32.35 -26.97
N ARG A 905 5.85 33.14 -27.52
CA ARG A 905 6.23 34.19 -28.45
C ARG A 905 7.21 35.17 -27.80
N LYS A 906 6.90 35.59 -26.58
CA LYS A 906 7.77 36.54 -25.87
C LYS A 906 9.15 35.96 -25.61
N LEU A 907 9.21 34.69 -25.22
CA LEU A 907 10.50 34.06 -24.95
C LEU A 907 11.33 33.95 -26.22
N HIS A 908 10.70 33.60 -27.34
CA HIS A 908 11.45 33.55 -28.59
C HIS A 908 11.98 34.93 -28.97
N ASP A 909 11.16 35.96 -28.80
CA ASP A 909 11.63 37.32 -29.10
C ASP A 909 12.83 37.68 -28.23
N GLU A 910 12.74 37.38 -26.93
CA GLU A 910 13.84 37.70 -26.03
C GLU A 910 15.10 36.92 -26.39
N LEU A 911 14.95 35.64 -26.75
CA LEU A 911 16.11 34.85 -27.12
C LEU A 911 16.79 35.40 -28.37
N THR A 912 16.00 35.77 -29.38
CA THR A 912 16.58 36.36 -30.57
C THR A 912 17.28 37.67 -30.26
N GLY A 913 16.67 38.50 -29.42
CA GLY A 913 17.31 39.75 -29.03
C GLY A 913 18.63 39.52 -28.32
N HIS A 914 18.67 38.57 -27.38
CA HIS A 914 19.90 38.28 -26.66
C HIS A 914 20.97 37.72 -27.59
N MET A 915 20.58 36.86 -28.52
CA MET A 915 21.54 36.33 -29.47
C MET A 915 22.12 37.43 -30.34
N LEU A 916 21.27 38.36 -30.79
CA LEU A 916 21.76 39.47 -31.60
C LEU A 916 22.71 40.35 -30.79
N ASP A 917 22.35 40.65 -29.54
CA ASP A 917 23.21 41.51 -28.72
C ASP A 917 24.54 40.83 -28.42
N MET A 918 24.52 39.55 -28.09
CA MET A 918 25.74 38.84 -27.72
C MET A 918 26.59 38.49 -28.93
N TYR A 919 25.96 38.21 -30.07
CA TYR A 919 26.67 37.93 -31.30
C TYR A 919 25.97 38.66 -32.44
N SER A 920 26.76 39.19 -33.37
CA SER A 920 26.21 39.92 -34.51
C SER A 920 25.70 38.92 -35.55
N VAL A 921 24.60 38.27 -35.19
CA VAL A 921 24.00 37.21 -36.00
C VAL A 921 22.49 37.38 -36.01
N MET A 922 21.84 36.61 -36.88
CA MET A 922 20.39 36.48 -36.91
C MET A 922 20.05 35.01 -36.75
N LEU A 923 19.09 34.71 -35.87
CA LEU A 923 18.79 33.31 -35.58
C LEU A 923 18.34 32.57 -36.83
N THR A 924 17.57 33.24 -37.69
CA THR A 924 17.18 32.76 -39.02
C THR A 924 16.16 31.63 -38.97
N ASN A 925 15.69 31.23 -37.79
CA ASN A 925 14.78 30.09 -37.67
C ASN A 925 13.35 30.59 -37.78
N ASP A 926 12.74 30.35 -38.94
CA ASP A 926 11.35 30.74 -39.21
C ASP A 926 10.37 29.61 -38.96
N ASN A 927 10.83 28.43 -38.56
CA ASN A 927 9.95 27.31 -38.28
C ASN A 927 9.45 27.28 -36.85
N THR A 928 9.91 28.19 -35.99
CA THR A 928 9.40 28.28 -34.63
C THR A 928 8.07 28.99 -34.55
N SER A 929 7.66 29.67 -35.63
CA SER A 929 6.38 30.39 -35.61
C SER A 929 5.21 29.45 -35.38
N ARG A 930 5.38 28.15 -35.61
CA ARG A 930 4.32 27.19 -35.37
C ARG A 930 4.06 26.94 -33.90
N TYR A 931 4.95 27.40 -33.01
CA TYR A 931 4.81 27.12 -31.59
C TYR A 931 3.95 28.12 -30.85
N TRP A 932 3.57 29.24 -31.48
CA TRP A 932 2.61 30.17 -30.90
C TRP A 932 1.39 30.33 -31.81
N GLU A 933 1.03 29.26 -32.51
CA GLU A 933 -0.19 29.18 -33.29
C GLU A 933 -0.97 27.95 -32.87
N PRO A 934 -2.30 28.01 -32.84
CA PRO A 934 -3.07 26.87 -32.30
C PRO A 934 -2.89 25.59 -33.08
N GLU A 935 -2.63 25.65 -34.38
CA GLU A 935 -2.72 24.47 -35.23
C GLU A 935 -1.79 23.36 -34.73
N PHE A 936 -0.54 23.71 -34.42
CA PHE A 936 0.42 22.71 -34.00
C PHE A 936 -0.12 21.88 -32.85
N TYR A 937 -0.87 22.51 -31.95
CA TYR A 937 -1.42 21.81 -30.81
C TYR A 937 -2.75 21.14 -31.12
N GLU A 938 -3.55 21.76 -31.98
CA GLU A 938 -4.82 21.13 -32.37
C GLU A 938 -4.57 19.80 -33.06
N ALA A 939 -3.46 19.67 -33.77
CA ALA A 939 -3.12 18.44 -34.46
C ALA A 939 -2.76 17.31 -33.50
N MET A 940 -2.56 17.61 -32.21
CA MET A 940 -2.17 16.57 -31.27
C MET A 940 -3.36 15.75 -30.77
N TYR A 941 -4.59 16.19 -31.04
CA TYR A 941 -5.79 15.52 -30.57
C TYR A 941 -6.68 15.08 -31.72
N THR A 942 -6.16 15.07 -32.94
CA THR A 942 -6.95 14.66 -34.10
C THR A 942 -6.60 13.22 -34.48
N PRO A 943 -7.57 12.38 -34.83
CA PRO A 943 -7.28 10.94 -34.98
C PRO A 943 -6.38 10.59 -36.15
N HIS A 944 -6.03 11.55 -37.02
CA HIS A 944 -5.30 11.20 -38.23
C HIS A 944 -4.07 10.35 -37.93
N THR A 945 -3.31 10.73 -36.90
CA THR A 945 -2.11 9.98 -36.53
C THR A 945 -2.40 9.10 -35.31
N ALA B 63 36.45 1.45 -40.41
CA ALA B 63 37.67 1.29 -39.60
C ALA B 63 37.56 2.13 -38.33
N ASP B 64 37.02 3.34 -38.47
CA ASP B 64 36.80 4.19 -37.30
C ASP B 64 35.83 3.54 -36.33
N GLN B 65 34.74 2.96 -36.85
CA GLN B 65 33.75 2.33 -35.98
C GLN B 65 34.35 1.18 -35.20
N ALA B 66 35.20 0.37 -35.85
CA ALA B 66 35.83 -0.75 -35.15
C ALA B 66 36.74 -0.24 -34.03
N MET B 67 37.48 0.83 -34.29
CA MET B 67 38.34 1.40 -33.26
C MET B 67 37.51 1.92 -32.09
N THR B 68 36.39 2.59 -32.39
CA THR B 68 35.53 3.07 -31.31
C THR B 68 34.97 1.91 -30.50
N GLN B 69 34.59 0.83 -31.17
CA GLN B 69 34.09 -0.35 -30.46
C GLN B 69 35.16 -0.96 -29.57
N MET B 70 36.40 -1.04 -30.06
CA MET B 70 37.48 -1.57 -29.24
C MET B 70 37.72 -0.68 -28.03
N TYR B 71 37.70 0.64 -28.21
CA TYR B 71 37.85 1.54 -27.08
C TYR B 71 36.73 1.36 -26.07
N LYS B 72 35.50 1.21 -26.54
CA LYS B 72 34.38 1.00 -25.62
C LYS B 72 34.54 -0.30 -24.85
N GLN B 73 34.98 -1.37 -25.52
CA GLN B 73 35.18 -2.63 -24.82
C GLN B 73 36.29 -2.52 -23.78
N ALA B 74 37.37 -1.83 -24.11
CA ALA B 74 38.44 -1.64 -23.14
C ALA B 74 37.95 -0.84 -21.94
N ARG B 75 37.16 0.20 -22.18
CA ARG B 75 36.59 0.99 -21.09
C ARG B 75 35.69 0.12 -20.21
N SER B 76 34.86 -0.72 -20.83
CA SER B 76 33.97 -1.58 -20.07
C SER B 76 34.77 -2.56 -19.22
N GLU B 77 35.83 -3.14 -19.77
CA GLU B 77 36.65 -4.07 -18.99
C GLU B 77 37.32 -3.37 -17.83
N ASP B 78 37.83 -2.15 -18.06
CA ASP B 78 38.46 -1.41 -16.97
C ASP B 78 37.47 -1.10 -15.85
N LYS B 79 36.26 -0.66 -16.21
CA LYS B 79 35.25 -0.38 -15.20
C LYS B 79 34.82 -1.64 -14.47
N ARG B 80 34.74 -2.77 -15.19
CA ARG B 80 34.41 -4.04 -14.56
C ARG B 80 35.45 -4.40 -13.51
N ALA B 81 36.73 -4.26 -13.86
CA ALA B 81 37.78 -4.57 -12.89
C ALA B 81 37.70 -3.63 -11.69
N LYS B 82 37.45 -2.34 -11.94
CA LYS B 82 37.32 -1.39 -10.85
C LYS B 82 36.21 -1.80 -9.89
N VAL B 83 35.02 -2.08 -10.41
CA VAL B 83 33.89 -2.39 -9.54
C VAL B 83 34.11 -3.74 -8.84
N THR B 84 34.76 -4.70 -9.52
CA THR B 84 35.06 -5.98 -8.87
C THR B 84 35.97 -5.75 -7.66
N SER B 85 37.02 -4.95 -7.83
CA SER B 85 37.91 -4.65 -6.72
C SER B 85 37.17 -3.94 -5.61
N ALA B 86 36.29 -2.99 -5.97
CA ALA B 86 35.56 -2.25 -4.94
C ALA B 86 34.67 -3.17 -4.12
N MET B 87 33.93 -4.06 -4.80
CA MET B 87 33.05 -4.98 -4.08
C MET B 87 33.84 -5.95 -3.21
N GLN B 88 34.97 -6.45 -3.71
CA GLN B 88 35.80 -7.34 -2.90
C GLN B 88 36.31 -6.61 -1.66
N THR B 89 36.76 -5.36 -1.82
CA THR B 89 37.25 -4.60 -0.69
C THR B 89 36.16 -4.38 0.34
N MET B 90 34.94 -4.04 -0.11
CA MET B 90 33.84 -3.85 0.82
C MET B 90 33.51 -5.14 1.56
N LEU B 91 33.45 -6.26 0.85
CA LEU B 91 33.06 -7.51 1.48
C LEU B 91 34.11 -8.01 2.46
N PHE B 92 35.39 -7.73 2.19
CA PHE B 92 36.43 -8.16 3.13
C PHE B 92 36.59 -7.17 4.28
N THR B 93 36.26 -5.90 4.08
CA THR B 93 36.27 -4.95 5.17
C THR B 93 35.13 -5.21 6.14
N MET B 94 33.95 -5.59 5.63
CA MET B 94 32.80 -5.75 6.51
C MET B 94 32.98 -6.88 7.51
N LEU B 95 33.72 -7.92 7.14
CA LEU B 95 33.84 -9.09 8.00
C LEU B 95 34.88 -8.94 9.10
N ARG B 96 35.69 -7.88 9.05
CA ARG B 96 36.63 -7.59 10.13
C ARG B 96 35.99 -6.79 11.27
N LYS B 97 34.71 -6.40 11.13
CA LYS B 97 34.02 -5.62 12.15
C LYS B 97 33.17 -6.48 13.08
N LEU B 98 32.73 -7.65 12.63
CA LEU B 98 31.84 -8.47 13.44
C LEU B 98 32.59 -9.12 14.59
N ASP B 99 31.84 -9.43 15.64
CA ASP B 99 32.41 -10.04 16.86
C ASP B 99 32.50 -11.55 16.65
N ASN B 100 33.72 -12.05 16.51
CA ASN B 100 33.91 -13.46 16.17
C ASN B 100 33.38 -14.37 17.28
N ASP B 101 33.63 -14.02 18.54
CA ASP B 101 33.31 -14.93 19.64
C ASP B 101 31.80 -15.16 19.73
N ALA B 102 31.02 -14.08 19.81
CA ALA B 102 29.58 -14.22 19.96
C ALA B 102 28.96 -14.89 18.73
N LEU B 103 29.42 -14.51 17.55
CA LEU B 103 28.89 -15.10 16.33
C LEU B 103 29.16 -16.60 16.29
N ASN B 104 30.39 -17.00 16.65
CA ASN B 104 30.71 -18.42 16.69
C ASN B 104 29.86 -19.16 17.73
N ASN B 105 29.66 -18.53 18.90
CA ASN B 105 28.83 -19.16 19.93
C ASN B 105 27.43 -19.42 19.40
N ILE B 106 26.79 -18.40 18.83
CA ILE B 106 25.41 -18.57 18.39
C ILE B 106 25.32 -19.53 17.21
N ILE B 107 26.31 -19.49 16.31
CA ILE B 107 26.32 -20.41 15.18
C ILE B 107 26.43 -21.85 15.68
N ASN B 108 27.33 -22.10 16.64
CA ASN B 108 27.49 -23.44 17.16
C ASN B 108 26.24 -23.91 17.90
N ASN B 109 25.59 -23.01 18.64
CA ASN B 109 24.35 -23.38 19.31
C ASN B 109 23.27 -23.79 18.32
N ALA B 110 23.33 -23.27 17.09
CA ALA B 110 22.32 -23.58 16.10
C ALA B 110 22.30 -25.07 15.80
N ARG B 111 21.09 -25.61 15.61
CA ARG B 111 20.94 -27.04 15.37
C ARG B 111 21.63 -27.46 14.07
N ASP B 112 21.49 -26.65 13.02
CA ASP B 112 22.01 -27.02 11.70
C ASP B 112 22.74 -25.87 11.01
N GLY B 113 23.23 -24.90 11.77
CA GLY B 113 23.96 -23.77 11.23
C GLY B 113 23.10 -22.58 10.87
N CYS B 114 21.94 -22.82 10.26
CA CYS B 114 21.07 -21.72 9.86
C CYS B 114 20.47 -21.04 11.08
N VAL B 115 20.58 -19.72 11.14
CA VAL B 115 19.95 -18.92 12.18
C VAL B 115 19.23 -17.76 11.49
N PRO B 116 18.13 -17.26 12.04
CA PRO B 116 17.53 -16.04 11.48
C PRO B 116 18.49 -14.87 11.57
N LEU B 117 18.50 -14.04 10.53
CA LEU B 117 19.40 -12.90 10.49
C LEU B 117 19.04 -11.87 11.56
N ASN B 118 17.75 -11.71 11.86
CA ASN B 118 17.31 -10.62 12.71
C ASN B 118 17.83 -10.73 14.13
N ILE B 119 18.40 -11.88 14.52
CA ILE B 119 18.94 -12.04 15.86
C ILE B 119 20.45 -11.85 15.92
N ILE B 120 21.13 -11.72 14.78
CA ILE B 120 22.57 -11.54 14.79
C ILE B 120 22.91 -10.23 15.49
N PRO B 121 22.37 -9.08 15.07
CA PRO B 121 22.65 -7.84 15.81
C PRO B 121 22.14 -7.86 17.24
N LEU B 122 21.00 -8.50 17.49
CA LEU B 122 20.44 -8.50 18.84
C LEU B 122 21.37 -9.17 19.84
N THR B 123 21.97 -10.30 19.46
CA THR B 123 22.72 -11.12 20.39
C THR B 123 24.23 -10.97 20.28
N THR B 124 24.73 -10.28 19.24
CA THR B 124 26.17 -10.19 19.02
C THR B 124 26.69 -8.77 18.84
N ALA B 125 25.83 -7.79 18.56
CA ALA B 125 26.31 -6.43 18.37
C ALA B 125 26.86 -5.86 19.67
N ALA B 126 28.00 -5.18 19.57
CA ALA B 126 28.65 -4.59 20.73
C ALA B 126 28.21 -3.16 21.02
N LYS B 127 27.45 -2.55 20.11
CA LYS B 127 27.00 -1.18 20.27
C LYS B 127 25.52 -1.09 19.95
N LEU B 128 24.84 -0.16 20.62
CA LEU B 128 23.42 0.08 20.44
C LEU B 128 23.18 1.56 20.19
N MET B 129 22.34 1.85 19.21
CA MET B 129 21.90 3.21 18.92
C MET B 129 20.39 3.30 19.13
N VAL B 130 19.97 4.25 19.96
CA VAL B 130 18.56 4.45 20.28
C VAL B 130 18.18 5.84 19.79
N VAL B 131 17.12 5.92 18.99
CA VAL B 131 16.59 7.19 18.49
C VAL B 131 15.32 7.49 19.26
N ILE B 132 15.33 8.59 20.00
CA ILE B 132 14.25 8.97 20.91
C ILE B 132 13.55 10.20 20.33
N PRO B 133 12.23 10.17 20.12
CA PRO B 133 11.55 11.34 19.54
C PRO B 133 11.13 12.39 20.55
N ASP B 134 10.93 12.00 21.81
CA ASP B 134 10.44 12.93 22.82
C ASP B 134 10.89 12.47 24.19
N TYR B 135 10.74 13.36 25.17
CA TYR B 135 11.23 13.09 26.52
C TYR B 135 10.49 11.95 27.18
N ASN B 136 9.20 11.78 26.88
CA ASN B 136 8.45 10.67 27.46
C ASN B 136 9.10 9.33 27.10
N THR B 137 9.42 9.16 25.82
CA THR B 137 10.10 7.94 25.39
C THR B 137 11.47 7.82 26.05
N TYR B 138 12.18 8.94 26.21
CA TYR B 138 13.48 8.90 26.86
C TYR B 138 13.38 8.34 28.27
N LYS B 139 12.44 8.88 29.06
CA LYS B 139 12.28 8.37 30.42
C LYS B 139 11.79 6.93 30.42
N ASN B 140 10.98 6.54 29.44
CA ASN B 140 10.48 5.17 29.39
C ASN B 140 11.60 4.18 29.11
N THR B 141 12.52 4.50 28.20
CA THR B 141 13.45 3.52 27.66
C THR B 141 14.83 3.57 28.29
N CYS B 142 15.52 4.71 28.19
CA CYS B 142 16.93 4.80 28.55
C CYS B 142 17.15 5.83 29.66
N ASP B 143 16.31 5.79 30.68
CA ASP B 143 16.51 6.65 31.84
C ASP B 143 17.76 6.23 32.60
N GLY B 144 18.53 7.21 33.05
CA GLY B 144 19.75 6.93 33.77
C GLY B 144 20.93 6.70 32.84
N THR B 145 22.05 6.30 33.44
CA THR B 145 23.27 6.05 32.70
C THR B 145 23.43 4.60 32.27
N THR B 146 22.56 3.70 32.70
CA THR B 146 22.51 2.34 32.21
C THR B 146 21.05 1.95 32.03
N PHE B 147 20.80 1.03 31.10
CA PHE B 147 19.45 0.55 30.87
C PHE B 147 19.49 -0.89 30.38
N THR B 148 18.32 -1.50 30.30
CA THR B 148 18.17 -2.88 29.88
C THR B 148 17.37 -2.93 28.58
N TYR B 149 17.89 -3.65 27.59
CA TYR B 149 17.20 -3.85 26.34
C TYR B 149 17.70 -5.15 25.72
N ALA B 150 16.78 -5.85 25.03
CA ALA B 150 17.12 -7.09 24.34
C ALA B 150 17.77 -8.08 25.29
N SER B 151 17.28 -8.12 26.53
CA SER B 151 17.80 -9.03 27.55
C SER B 151 19.30 -8.81 27.76
N ALA B 152 19.72 -7.54 27.74
CA ALA B 152 21.12 -7.20 27.97
C ALA B 152 21.19 -5.84 28.64
N LEU B 153 22.33 -5.57 29.27
CA LEU B 153 22.57 -4.32 29.97
C LEU B 153 23.48 -3.44 29.12
N TRP B 154 23.06 -2.20 28.90
CA TRP B 154 23.79 -1.24 28.08
C TRP B 154 24.14 -0.02 28.92
N GLU B 155 25.36 0.46 28.76
CA GLU B 155 25.84 1.67 29.43
C GLU B 155 25.96 2.77 28.39
N ILE B 156 25.37 3.93 28.70
CA ILE B 156 25.36 5.02 27.73
C ILE B 156 26.77 5.54 27.53
N GLN B 157 27.18 5.64 26.27
CA GLN B 157 28.49 6.16 25.91
C GLN B 157 28.43 7.60 25.43
N GLN B 158 27.34 7.99 24.77
CA GLN B 158 27.23 9.36 24.30
C GLN B 158 25.79 9.64 23.87
N VAL B 159 25.41 10.91 23.91
CA VAL B 159 24.12 11.37 23.41
C VAL B 159 24.37 12.56 22.49
N VAL B 160 23.68 12.58 21.36
CA VAL B 160 23.73 13.72 20.45
C VAL B 160 22.29 14.08 20.06
N ASP B 161 22.12 15.30 19.57
CA ASP B 161 20.83 15.78 19.12
C ASP B 161 20.70 15.61 17.61
N ALA B 162 19.59 16.10 17.06
CA ALA B 162 19.36 15.98 15.62
C ALA B 162 20.39 16.74 14.81
N ASP B 163 21.07 17.71 15.41
CA ASP B 163 22.14 18.45 14.76
C ASP B 163 23.50 17.78 14.92
N SER B 164 23.55 16.62 15.56
CA SER B 164 24.81 15.90 15.80
C SER B 164 25.70 16.65 16.78
N LYS B 165 25.10 17.17 17.84
CA LYS B 165 25.81 17.90 18.90
C LYS B 165 25.66 17.18 20.22
N ILE B 166 26.77 17.06 20.95
CA ILE B 166 26.76 16.31 22.20
C ILE B 166 25.78 16.93 23.18
N VAL B 167 25.04 16.08 23.89
CA VAL B 167 24.03 16.51 24.86
C VAL B 167 24.33 15.80 26.17
N GLN B 168 24.63 16.56 27.21
CA GLN B 168 24.90 15.98 28.52
C GLN B 168 23.63 15.40 29.11
N LEU B 169 23.78 14.31 29.87
CA LEU B 169 22.63 13.66 30.46
C LEU B 169 21.92 14.54 31.49
N SER B 170 22.59 15.57 32.01
CA SER B 170 21.94 16.50 32.91
C SER B 170 20.98 17.43 32.18
N GLU B 171 21.20 17.65 30.88
CA GLU B 171 20.35 18.55 30.11
C GLU B 171 19.02 17.93 29.74
N ILE B 172 18.88 16.61 29.82
CA ILE B 172 17.67 15.91 29.40
C ILE B 172 16.74 15.88 30.61
N SER B 173 15.92 16.93 30.74
CA SER B 173 14.97 17.04 31.83
C SER B 173 13.68 17.64 31.28
N MET B 174 12.63 17.60 32.09
CA MET B 174 11.33 18.10 31.65
C MET B 174 11.38 19.59 31.33
N ASP B 175 12.06 20.38 32.17
CA ASP B 175 12.10 21.81 31.96
C ASP B 175 12.89 22.17 30.70
N ASN B 176 14.00 21.48 30.46
CA ASN B 176 14.91 21.80 29.37
C ASN B 176 14.60 21.02 28.09
N SER B 177 13.58 20.17 28.10
CA SER B 177 13.23 19.43 26.89
C SER B 177 12.89 20.35 25.72
N PRO B 178 12.14 21.44 25.88
CA PRO B 178 11.84 22.30 24.74
C PRO B 178 13.07 22.92 24.10
N ASN B 179 14.19 22.99 24.82
CA ASN B 179 15.41 23.60 24.29
C ASN B 179 16.32 22.60 23.57
N LEU B 180 15.90 21.34 23.44
CA LEU B 180 16.69 20.32 22.79
C LEU B 180 16.18 20.07 21.38
N ALA B 181 17.11 19.71 20.48
CA ALA B 181 16.76 19.42 19.09
C ALA B 181 16.49 17.92 18.96
N TRP B 182 15.23 17.54 19.12
CA TRP B 182 14.84 16.15 19.01
C TRP B 182 14.83 15.72 17.55
N PRO B 183 14.98 14.41 17.28
CA PRO B 183 15.17 13.31 18.22
C PRO B 183 16.59 13.22 18.75
N LEU B 184 16.79 12.64 19.93
CA LEU B 184 18.12 12.39 20.45
C LEU B 184 18.58 11.00 20.04
N ILE B 185 19.88 10.88 19.74
CA ILE B 185 20.50 9.61 19.38
C ILE B 185 21.47 9.25 20.50
N VAL B 186 21.21 8.11 21.13
CA VAL B 186 21.99 7.62 22.27
C VAL B 186 22.80 6.42 21.81
N THR B 187 24.11 6.48 22.00
CA THR B 187 25.01 5.38 21.68
C THR B 187 25.50 4.77 22.99
N ALA B 188 25.26 3.47 23.14
CA ALA B 188 25.60 2.73 24.35
C ALA B 188 26.38 1.48 23.98
N LEU B 189 27.14 0.98 24.94
CA LEU B 189 27.96 -0.22 24.76
C LEU B 189 27.42 -1.35 25.62
N ARG B 190 27.46 -2.56 25.08
CA ARG B 190 26.97 -3.73 25.81
C ARG B 190 27.77 -3.91 27.09
N ALA B 191 27.07 -3.90 28.23
CA ALA B 191 27.73 -4.02 29.51
C ALA B 191 28.02 -5.48 29.83
N ASN B 192 28.79 -5.70 30.89
CA ASN B 192 29.23 -7.04 31.28
C ASN B 192 30.07 -7.65 30.16
N SER B 193 31.16 -6.99 29.84
CA SER B 193 32.08 -7.44 28.79
C SER B 193 31.35 -7.55 27.46
N SER C 1 -7.65 39.14 -1.14
CA SER C 1 -6.73 39.66 -2.20
C SER C 1 -5.29 39.56 -1.74
N LYS C 2 -4.35 39.57 -2.69
CA LYS C 2 -2.93 39.41 -2.42
C LYS C 2 -2.59 38.01 -1.92
N MET C 3 -3.49 37.05 -2.11
CA MET C 3 -3.22 35.68 -1.68
C MET C 3 -2.04 35.09 -2.43
N SER C 4 -2.09 35.15 -3.76
CA SER C 4 -1.02 34.57 -4.57
C SER C 4 0.29 35.30 -4.34
N ASP C 5 0.24 36.62 -4.19
CA ASP C 5 1.44 37.37 -3.88
C ASP C 5 2.08 36.89 -2.60
N VAL C 6 1.27 36.70 -1.55
CA VAL C 6 1.80 36.24 -0.28
C VAL C 6 2.41 34.86 -0.41
N LYS C 7 1.73 33.96 -1.14
CA LYS C 7 2.25 32.60 -1.27
C LYS C 7 3.57 32.58 -2.03
N CYS C 8 3.66 33.33 -3.13
CA CYS C 8 4.90 33.39 -3.88
C CYS C 8 6.03 34.00 -3.06
N THR C 9 5.72 35.05 -2.30
CA THR C 9 6.72 35.67 -1.45
C THR C 9 7.20 34.71 -0.36
N SER C 10 6.28 33.92 0.19
CA SER C 10 6.69 32.93 1.19
C SER C 10 7.59 31.87 0.59
N VAL C 11 7.29 31.44 -0.64
CA VAL C 11 8.18 30.49 -1.33
C VAL C 11 9.58 31.09 -1.46
N VAL C 12 9.65 32.33 -1.94
CA VAL C 12 10.96 32.97 -2.13
C VAL C 12 11.67 33.15 -0.81
N LEU C 13 10.93 33.47 0.25
CA LEU C 13 11.54 33.70 1.56
C LEU C 13 12.11 32.40 2.12
N LEU C 14 11.40 31.29 2.01
CA LEU C 14 11.97 30.03 2.48
C LEU C 14 13.16 29.61 1.62
N SER C 15 13.13 29.92 0.32
CA SER C 15 14.31 29.65 -0.50
C SER C 15 15.51 30.45 -0.01
N VAL C 16 15.30 31.72 0.32
CA VAL C 16 16.40 32.54 0.84
C VAL C 16 16.90 31.99 2.17
N LEU C 17 15.98 31.59 3.06
CA LEU C 17 16.38 31.03 4.35
C LEU C 17 17.19 29.77 4.16
N GLN C 18 16.77 28.89 3.25
CA GLN C 18 17.54 27.68 2.97
C GLN C 18 18.92 28.02 2.43
N GLN C 19 19.00 29.04 1.58
CA GLN C 19 20.30 29.45 1.05
C GLN C 19 21.24 29.95 2.14
N LEU C 20 20.69 30.52 3.22
CA LEU C 20 21.48 30.98 4.36
C LEU C 20 21.83 29.85 5.32
N ARG C 21 21.63 28.60 4.93
CA ARG C 21 21.99 27.44 5.74
C ARG C 21 21.24 27.42 7.06
N VAL C 22 19.91 27.46 6.95
CA VAL C 22 19.05 27.31 8.12
C VAL C 22 18.79 25.85 8.44
N GLU C 23 18.96 24.95 7.47
CA GLU C 23 18.75 23.52 7.73
C GLU C 23 19.75 22.99 8.74
N SER C 24 20.84 23.71 9.00
CA SER C 24 21.79 23.31 10.03
C SER C 24 21.22 23.39 11.43
N SER C 25 20.07 24.02 11.60
CA SER C 25 19.33 24.03 12.87
C SER C 25 18.03 23.27 12.66
N SER C 26 17.91 22.11 13.29
CA SER C 26 16.72 21.28 13.12
C SER C 26 15.47 22.02 13.59
N LYS C 27 15.54 22.65 14.77
CA LYS C 27 14.38 23.36 15.31
C LYS C 27 13.96 24.49 14.37
N LEU C 28 14.91 25.33 13.98
CA LEU C 28 14.58 26.49 13.16
C LEU C 28 14.04 26.07 11.81
N TRP C 29 14.68 25.09 11.17
CA TRP C 29 14.22 24.64 9.87
C TRP C 29 12.82 24.01 9.97
N ALA C 30 12.57 23.24 11.02
CA ALA C 30 11.24 22.66 11.19
C ALA C 30 10.19 23.74 11.34
N GLN C 31 10.48 24.77 12.14
CA GLN C 31 9.51 25.85 12.31
C GLN C 31 9.27 26.59 11.00
N CYS C 32 10.33 26.88 10.26
CA CYS C 32 10.19 27.59 8.98
C CYS C 32 9.39 26.75 7.99
N VAL C 33 9.66 25.45 7.93
CA VAL C 33 8.92 24.57 7.02
C VAL C 33 7.44 24.55 7.41
N GLN C 34 7.15 24.46 8.71
CA GLN C 34 5.77 24.48 9.15
C GLN C 34 5.07 25.76 8.70
N LEU C 35 5.70 26.92 8.94
CA LEU C 35 5.08 28.18 8.55
C LEU C 35 4.87 28.26 7.04
N HIS C 36 5.87 27.85 6.26
CA HIS C 36 5.78 27.93 4.81
C HIS C 36 4.65 27.04 4.28
N ASN C 37 4.58 25.80 4.75
CA ASN C 37 3.53 24.90 4.30
C ASN C 37 2.15 25.40 4.74
N ASP C 38 2.07 26.00 5.94
CA ASP C 38 0.80 26.58 6.38
C ASP C 38 0.38 27.73 5.48
N ILE C 39 1.33 28.59 5.09
CA ILE C 39 1.00 29.71 4.23
C ILE C 39 0.51 29.22 2.88
N LEU C 40 1.15 28.17 2.34
CA LEU C 40 0.75 27.67 1.03
C LEU C 40 -0.69 27.13 1.06
N LEU C 41 -1.08 26.49 2.15
CA LEU C 41 -2.42 25.93 2.29
C LEU C 41 -3.45 26.94 2.79
N ALA C 42 -3.03 28.18 3.08
CA ALA C 42 -3.93 29.14 3.70
C ALA C 42 -5.10 29.48 2.78
N LYS C 43 -6.26 29.73 3.40
CA LYS C 43 -7.44 30.21 2.69
C LYS C 43 -7.84 31.62 3.11
N ASP C 44 -7.23 32.17 4.15
CA ASP C 44 -7.52 33.52 4.62
C ASP C 44 -6.26 34.37 4.52
N THR C 45 -6.39 35.55 3.93
CA THR C 45 -5.22 36.40 3.73
C THR C 45 -4.64 36.90 5.05
N THR C 46 -5.48 37.10 6.06
CA THR C 46 -4.98 37.61 7.34
C THR C 46 -4.09 36.58 8.04
N GLU C 47 -4.54 35.33 8.08
CA GLU C 47 -3.73 34.27 8.69
C GLU C 47 -2.42 34.08 7.93
N ALA C 48 -2.50 34.11 6.60
CA ALA C 48 -1.29 33.97 5.78
C ALA C 48 -0.33 35.13 6.04
N PHE C 49 -0.86 36.34 6.21
CA PHE C 49 0.02 37.47 6.49
C PHE C 49 0.63 37.37 7.88
N GLU C 50 -0.13 36.86 8.86
CA GLU C 50 0.45 36.64 10.18
C GLU C 50 1.61 35.67 10.11
N LYS C 51 1.41 34.54 9.41
CA LYS C 51 2.49 33.56 9.28
C LYS C 51 3.63 34.11 8.45
N MET C 52 3.34 34.99 7.49
CA MET C 52 4.40 35.63 6.71
C MET C 52 5.26 36.53 7.59
N VAL C 53 4.63 37.30 8.48
CA VAL C 53 5.39 38.12 9.42
C VAL C 53 6.24 37.22 10.32
N SER C 54 5.66 36.12 10.80
CA SER C 54 6.41 35.21 11.65
C SER C 54 7.61 34.63 10.91
N LEU C 55 7.43 34.30 9.62
CA LEU C 55 8.51 33.70 8.84
C LEU C 55 9.59 34.73 8.49
N LEU C 56 9.21 35.98 8.28
CA LEU C 56 10.20 37.03 7.99
C LEU C 56 10.96 37.43 9.25
N SER C 57 10.34 37.28 10.42
CA SER C 57 11.05 37.56 11.66
C SER C 57 12.26 36.66 11.82
N VAL C 58 12.16 35.41 11.38
CA VAL C 58 13.30 34.50 11.43
C VAL C 58 14.44 35.02 10.57
N LEU C 59 14.12 35.46 9.35
CA LEU C 59 15.14 35.96 8.46
C LEU C 59 15.81 37.21 9.02
N LEU C 60 15.01 38.10 9.60
CA LEU C 60 15.56 39.35 10.13
C LEU C 60 16.26 39.18 11.46
N SER C 61 16.01 38.09 12.18
CA SER C 61 16.69 37.87 13.46
C SER C 61 18.19 37.72 13.25
N MET C 62 18.60 36.97 12.23
CA MET C 62 20.02 36.80 11.91
C MET C 62 20.49 38.04 11.15
N GLN C 63 20.71 39.11 11.93
CA GLN C 63 21.00 40.41 11.32
C GLN C 63 22.28 40.37 10.48
N GLY C 64 23.32 39.71 10.98
CA GLY C 64 24.58 39.66 10.25
C GLY C 64 24.54 38.81 9.00
N ALA C 65 23.59 37.89 8.90
CA ALA C 65 23.56 36.98 7.76
C ALA C 65 23.25 37.71 6.47
N VAL C 66 22.22 38.56 6.47
CA VAL C 66 21.77 39.26 5.28
C VAL C 66 21.80 40.76 5.57
N ASP C 67 22.25 41.53 4.58
CA ASP C 67 22.42 42.98 4.72
C ASP C 67 21.10 43.65 4.36
N ILE C 68 20.30 43.96 5.38
CA ILE C 68 19.00 44.57 5.14
C ILE C 68 19.17 45.96 4.52
N ASN C 69 20.10 46.74 5.05
CA ASN C 69 20.23 48.13 4.61
C ASN C 69 20.59 48.20 3.13
N LYS C 70 21.54 47.38 2.68
CA LYS C 70 21.94 47.41 1.28
C LYS C 70 20.80 46.95 0.37
N LEU C 71 20.09 45.90 0.76
CA LEU C 71 19.13 45.27 -0.15
C LEU C 71 18.01 46.23 -0.51
N CYS C 72 17.53 47.01 0.46
CA CYS C 72 16.52 48.03 0.22
C CYS C 72 17.16 49.39 0.36
N GLU C 73 17.11 50.19 -0.70
CA GLU C 73 17.73 51.50 -0.72
C GLU C 73 16.67 52.60 -0.73
N ARG D 57 25.37 25.81 -46.69
CA ARG D 57 24.23 25.94 -45.80
C ARG D 57 24.38 25.02 -44.58
N LYS D 58 24.97 23.84 -44.79
CA LYS D 58 25.19 22.92 -43.68
C LYS D 58 26.14 23.51 -42.65
N LEU D 59 27.20 24.18 -43.12
CA LEU D 59 28.14 24.80 -42.19
C LEU D 59 27.44 25.88 -41.37
N GLU D 60 26.51 26.61 -41.98
CA GLU D 60 25.74 27.59 -41.23
C GLU D 60 24.95 26.91 -40.11
N LYS D 61 24.34 25.76 -40.40
CA LYS D 61 23.60 25.04 -39.35
C LYS D 61 24.54 24.59 -38.25
N MET D 62 25.72 24.07 -38.61
CA MET D 62 26.67 23.64 -37.59
C MET D 62 27.09 24.80 -36.70
N ALA D 63 27.39 25.95 -37.31
CA ALA D 63 27.77 27.13 -36.52
C ALA D 63 26.63 27.58 -35.64
N ASP D 64 25.39 27.54 -36.15
CA ASP D 64 24.25 27.94 -35.34
C ASP D 64 24.08 27.03 -34.13
N GLN D 65 24.23 25.72 -34.33
CA GLN D 65 24.14 24.79 -33.21
C GLN D 65 25.24 25.04 -32.18
N ALA D 66 26.47 25.26 -32.66
CA ALA D 66 27.58 25.50 -31.73
C ALA D 66 27.33 26.78 -30.93
N MET D 67 26.84 27.83 -31.59
CA MET D 67 26.59 29.09 -30.88
C MET D 67 25.42 28.96 -29.92
N THR D 68 24.41 28.14 -30.27
CA THR D 68 23.33 27.89 -29.33
C THR D 68 23.83 27.16 -28.10
N GLN D 69 24.70 26.17 -28.27
CA GLN D 69 25.28 25.48 -27.12
C GLN D 69 26.08 26.43 -26.26
N MET D 70 26.89 27.30 -26.89
CA MET D 70 27.69 28.24 -26.13
C MET D 70 26.80 29.20 -25.34
N TYR D 71 25.76 29.74 -25.98
CA TYR D 71 24.85 30.63 -25.28
C TYR D 71 24.16 29.91 -24.13
N LYS D 72 23.74 28.67 -24.35
CA LYS D 72 23.08 27.91 -23.29
C LYS D 72 24.00 27.75 -22.09
N GLN D 73 25.25 27.33 -22.31
CA GLN D 73 26.15 27.11 -21.19
C GLN D 73 26.48 28.42 -20.49
N ALA D 74 26.68 29.49 -21.24
CA ALA D 74 26.96 30.79 -20.62
C ALA D 74 25.81 31.23 -19.73
N ARG D 75 24.58 31.17 -20.25
CA ARG D 75 23.43 31.59 -19.47
C ARG D 75 23.24 30.69 -18.25
N SER D 76 23.43 29.39 -18.41
CA SER D 76 23.27 28.48 -17.27
C SER D 76 24.26 28.81 -16.16
N GLU D 77 25.54 28.99 -16.52
CA GLU D 77 26.53 29.32 -15.50
C GLU D 77 26.22 30.65 -14.82
N ASP D 78 25.86 31.67 -15.61
CA ASP D 78 25.59 32.98 -15.02
C ASP D 78 24.38 32.92 -14.10
N LYS D 79 23.32 32.22 -14.51
CA LYS D 79 22.15 32.07 -13.67
C LYS D 79 22.50 31.34 -12.37
N ARG D 80 23.30 30.29 -12.47
CA ARG D 80 23.62 29.46 -11.32
C ARG D 80 24.62 30.10 -10.37
N ALA D 81 25.36 31.11 -10.82
CA ALA D 81 26.32 31.78 -9.95
C ALA D 81 25.65 32.85 -9.08
N LYS D 82 24.80 33.68 -9.69
CA LYS D 82 24.17 34.81 -9.03
C LYS D 82 23.01 34.42 -8.10
N VAL D 83 22.85 33.13 -7.78
CA VAL D 83 21.60 32.66 -7.21
C VAL D 83 21.26 33.39 -5.91
N THR D 84 22.26 33.55 -5.02
CA THR D 84 21.97 34.07 -3.69
C THR D 84 21.56 35.55 -3.75
N SER D 85 22.37 36.37 -4.40
CA SER D 85 22.06 37.79 -4.48
C SER D 85 20.78 38.04 -5.26
N ALA D 86 20.58 37.30 -6.35
CA ALA D 86 19.36 37.43 -7.12
C ALA D 86 18.14 37.07 -6.26
N MET D 87 18.25 36.00 -5.48
CA MET D 87 17.12 35.59 -4.64
C MET D 87 16.82 36.65 -3.58
N GLN D 88 17.85 37.21 -2.96
CA GLN D 88 17.59 38.24 -1.94
C GLN D 88 16.97 39.48 -2.55
N THR D 89 17.48 39.91 -3.71
CA THR D 89 16.89 41.07 -4.39
C THR D 89 15.43 40.81 -4.74
N MET D 90 15.13 39.63 -5.28
CA MET D 90 13.75 39.29 -5.60
C MET D 90 12.89 39.29 -4.36
N LEU D 91 13.38 38.71 -3.27
CA LEU D 91 12.61 38.66 -2.03
C LEU D 91 12.21 40.05 -1.59
N PHE D 92 13.16 40.97 -1.56
CA PHE D 92 12.84 42.29 -1.04
C PHE D 92 12.04 43.12 -2.03
N THR D 93 12.19 42.88 -3.33
CA THR D 93 11.29 43.51 -4.29
C THR D 93 9.85 43.06 -4.07
N MET D 94 9.65 41.76 -3.88
CA MET D 94 8.29 41.26 -3.65
C MET D 94 7.73 41.79 -2.34
N LEU D 95 8.56 41.87 -1.29
CA LEU D 95 8.09 42.43 -0.03
C LEU D 95 7.70 43.89 -0.19
N ARG D 96 8.49 44.66 -0.96
CA ARG D 96 8.12 46.04 -1.25
C ARG D 96 6.78 46.10 -1.95
N LYS D 97 6.57 45.23 -2.95
CA LYS D 97 5.30 45.24 -3.67
C LYS D 97 4.12 44.91 -2.76
N LEU D 98 4.32 43.97 -1.82
CA LEU D 98 3.22 43.58 -0.94
C LEU D 98 2.63 44.78 -0.22
N ASP D 99 3.50 45.65 0.32
CA ASP D 99 3.07 46.88 0.98
C ASP D 99 2.05 46.60 2.07
N ASN D 100 2.35 45.60 2.92
CA ASN D 100 1.58 45.36 4.12
C ASN D 100 2.16 46.15 5.27
N ASP D 101 1.29 46.61 6.17
CA ASP D 101 1.74 47.48 7.26
C ASP D 101 2.70 46.75 8.19
N ALA D 102 2.38 45.50 8.56
CA ALA D 102 3.21 44.77 9.52
C ALA D 102 4.58 44.46 8.91
N LEU D 103 4.61 44.00 7.66
CA LEU D 103 5.88 43.69 7.03
C LEU D 103 6.75 44.94 6.89
N ASN D 104 6.15 46.05 6.45
CA ASN D 104 6.91 47.28 6.32
C ASN D 104 7.44 47.76 7.66
N ASN D 105 6.61 47.69 8.70
CA ASN D 105 7.04 48.12 10.03
C ASN D 105 8.20 47.25 10.53
N ILE D 106 8.08 45.93 10.36
CA ILE D 106 9.14 45.04 10.84
C ILE D 106 10.43 45.28 10.06
N ILE D 107 10.32 45.46 8.74
CA ILE D 107 11.52 45.68 7.93
C ILE D 107 12.17 47.00 8.30
N ASN D 108 11.38 48.05 8.51
CA ASN D 108 11.95 49.34 8.88
C ASN D 108 12.60 49.27 10.26
N ASN D 109 11.99 48.55 11.20
CA ASN D 109 12.60 48.39 12.51
C ASN D 109 13.94 47.66 12.40
N ALA D 110 13.98 46.60 11.60
CA ALA D 110 15.25 45.88 11.41
C ALA D 110 16.28 46.78 10.75
N ARG D 111 15.86 47.60 9.79
CA ARG D 111 16.79 48.51 9.12
C ARG D 111 17.37 49.51 10.11
N ASP D 112 16.53 50.08 10.98
CA ASP D 112 17.02 50.99 12.00
C ASP D 112 17.89 50.29 13.03
N GLY D 113 17.74 48.98 13.19
CA GLY D 113 18.52 48.21 14.15
C GLY D 113 17.69 47.43 15.15
N CYS D 114 16.38 47.66 15.23
CA CYS D 114 15.52 46.97 16.19
C CYS D 114 15.12 45.62 15.58
N VAL D 115 15.95 44.61 15.82
CA VAL D 115 15.72 43.27 15.31
C VAL D 115 15.13 42.41 16.43
N PRO D 116 14.45 41.29 16.11
CA PRO D 116 13.90 40.41 17.14
C PRO D 116 14.89 39.35 17.61
#